data_1RME
# 
_entry.id   1RME 
# 
_audit_conform.dict_name       mmcif_pdbx.dic 
_audit_conform.dict_version    5.391 
_audit_conform.dict_location   http://mmcif.pdb.org/dictionaries/ascii/mmcif_pdbx.dic 
# 
loop_
_database_2.database_id 
_database_2.database_code 
_database_2.pdbx_database_accession 
_database_2.pdbx_DOI 
PDB   1RME         pdb_00001rme 10.2210/pdb1rme/pdb 
WWPDB D_1000176118 ?            ?                   
# 
loop_
_pdbx_audit_revision_history.ordinal 
_pdbx_audit_revision_history.data_content_type 
_pdbx_audit_revision_history.major_revision 
_pdbx_audit_revision_history.minor_revision 
_pdbx_audit_revision_history.revision_date 
1 'Structure model' 1 0 1997-01-11 
2 'Structure model' 1 1 2008-03-24 
3 'Structure model' 1 2 2011-07-13 
4 'Structure model' 1 3 2018-03-14 
5 'Structure model' 1 4 2024-05-01 
# 
_pdbx_audit_revision_details.ordinal             1 
_pdbx_audit_revision_details.revision_ordinal    1 
_pdbx_audit_revision_details.data_content_type   'Structure model' 
_pdbx_audit_revision_details.provider            repository 
_pdbx_audit_revision_details.type                'Initial release' 
_pdbx_audit_revision_details.description         ? 
_pdbx_audit_revision_details.details             ? 
# 
loop_
_pdbx_audit_revision_group.ordinal 
_pdbx_audit_revision_group.revision_ordinal 
_pdbx_audit_revision_group.data_content_type 
_pdbx_audit_revision_group.group 
1  2 'Structure model' 'Version format compliance' 
2  3 'Structure model' 'Version format compliance' 
3  4 'Structure model' 'Data collection'           
4  4 'Structure model' 'Derived calculations'      
5  4 'Structure model' 'Experimental preparation'  
6  4 'Structure model' Other                       
7  4 'Structure model' 'Source and taxonomy'       
8  5 'Structure model' 'Data collection'           
9  5 'Structure model' 'Database references'       
10 5 'Structure model' 'Derived calculations'      
# 
loop_
_pdbx_audit_revision_category.ordinal 
_pdbx_audit_revision_category.revision_ordinal 
_pdbx_audit_revision_category.data_content_type 
_pdbx_audit_revision_category.category 
1  4 'Structure model' ndb_struct_conf_na           
2  4 'Structure model' ndb_struct_na_base_pair      
3  4 'Structure model' ndb_struct_na_base_pair_step 
4  4 'Structure model' pdbx_database_status         
5  4 'Structure model' pdbx_entity_src_syn          
6  4 'Structure model' pdbx_nmr_ensemble            
7  4 'Structure model' pdbx_nmr_exptl               
8  4 'Structure model' pdbx_nmr_exptl_sample        
9  4 'Structure model' pdbx_nmr_sample_details      
10 4 'Structure model' pdbx_nmr_software            
11 4 'Structure model' pdbx_nmr_spectrometer        
12 4 'Structure model' pdbx_struct_assembly         
13 4 'Structure model' pdbx_struct_assembly_prop    
14 4 'Structure model' pdbx_struct_oper_list        
15 4 'Structure model' struct_conn                  
16 5 'Structure model' chem_comp_atom               
17 5 'Structure model' chem_comp_bond               
18 5 'Structure model' database_2                   
19 5 'Structure model' struct_conn                  
# 
loop_
_pdbx_audit_revision_item.ordinal 
_pdbx_audit_revision_item.revision_ordinal 
_pdbx_audit_revision_item.data_content_type 
_pdbx_audit_revision_item.item 
1  4 'Structure model' '_ndb_struct_na_base_pair.hbond_type_28'          
2  4 'Structure model' '_ndb_struct_na_base_pair_step.tilt'              
3  4 'Structure model' '_ndb_struct_na_base_pair_step.twist'             
4  4 'Structure model' '_pdbx_database_status.process_site'              
5  4 'Structure model' '_pdbx_nmr_ensemble.conformer_selection_criteria' 
6  4 'Structure model' '_pdbx_nmr_software.authors'                      
7  4 'Structure model' '_struct_conn.details'                            
8  4 'Structure model' '_struct_conn.ptnr1_label_atom_id'                
9  4 'Structure model' '_struct_conn.ptnr2_label_atom_id'                
10 5 'Structure model' '_database_2.pdbx_DOI'                            
11 5 'Structure model' '_database_2.pdbx_database_accession'             
12 5 'Structure model' '_struct_conn.pdbx_leaving_atom_flag'             
# 
_pdbx_database_status.status_code                     REL 
_pdbx_database_status.entry_id                        1RME 
_pdbx_database_status.recvd_initial_deposition_date   1996-07-12 
_pdbx_database_status.deposit_site                    ? 
_pdbx_database_status.process_site                    BNL 
_pdbx_database_status.SG_entry                        . 
_pdbx_database_status.pdb_format_compatible           Y 
_pdbx_database_status.status_code_mr                  ? 
_pdbx_database_status.status_code_sf                  ? 
_pdbx_database_status.status_code_cs                  ? 
_pdbx_database_status.methods_development_category    ? 
_pdbx_database_status.status_code_nmr_data            ? 
# 
loop_
_audit_author.name 
_audit_author.pdbx_ordinal 
'Nonin, S.'    1 
'Leroy, J.-L.' 2 
# 
loop_
_citation.id 
_citation.title 
_citation.journal_abbrev 
_citation.journal_volume 
_citation.page_first 
_citation.page_last 
_citation.year 
_citation.journal_id_ASTM 
_citation.country 
_citation.journal_id_ISSN 
_citation.journal_id_CSD 
_citation.book_publisher 
_citation.pdbx_database_id_PubMed 
_citation.pdbx_database_id_DOI 
primary 'Structure and conversion kinetics of a bi-stable DNA i-motif: broken symmetry in the [d(5mCCTCC)]4 tetramer.' J.Mol.Biol. 
261 399 414 1996 JMOBAK UK 0022-2836 0070 ? 8780782 10.1006/jmbi.1996.0472 
1       
;Solution Structures of the I-Motif Tetramers of D(Tcc), D(5Methylcct) and D(T5Methylcc): Novel Noe Connections between Amino Protons and Sugar Protons
;
Structure   3   101 ?   1995 STRUE6 UK 0969-2126 2005 ? ?       ?                      
# 
loop_
_citation_author.citation_id 
_citation_author.name 
_citation_author.ordinal 
_citation_author.identifier_ORCID 
primary 'Nonin, S.'   1 ? 
primary 'Leroy, J.L.' 2 ? 
1       'Leroy, J.L.' 3 ? 
1       'Gueron, M.'  4 ? 
# 
_entity.id                         1 
_entity.type                       polymer 
_entity.src_method                 syn 
_entity.pdbx_description           
;DNA (5'-D(*(MCY)P*CP*TP*CP*C)-3')
;
_entity.formula_weight             1350.010 
_entity.pdbx_number_of_molecules   4 
_entity.pdbx_ec                    ? 
_entity.pdbx_mutation              ? 
_entity.pdbx_fragment              ? 
_entity.details                    'TETRAMER FORMED BY FOUR 5MCCTCC STRANDS' 
# 
_entity_poly.entity_id                      1 
_entity_poly.type                           polydeoxyribonucleotide 
_entity_poly.nstd_linkage                   no 
_entity_poly.nstd_monomer                   yes 
_entity_poly.pdbx_seq_one_letter_code       '(MCY)(DC)(DT)(DC)(DC)' 
_entity_poly.pdbx_seq_one_letter_code_can   CCTCC 
_entity_poly.pdbx_strand_id                 A,B,C,D 
_entity_poly.pdbx_target_identifier         ? 
# 
loop_
_entity_poly_seq.entity_id 
_entity_poly_seq.num 
_entity_poly_seq.mon_id 
_entity_poly_seq.hetero 
1 1 MCY n 
1 2 DC  n 
1 3 DT  n 
1 4 DC  n 
1 5 DC  n 
# 
_pdbx_entity_src_syn.entity_id              1 
_pdbx_entity_src_syn.pdbx_src_id            1 
_pdbx_entity_src_syn.pdbx_alt_source_flag   sample 
_pdbx_entity_src_syn.pdbx_beg_seq_num       ? 
_pdbx_entity_src_syn.pdbx_end_seq_num       ? 
_pdbx_entity_src_syn.organism_scientific    'synthetic construct' 
_pdbx_entity_src_syn.organism_common_name   ? 
_pdbx_entity_src_syn.ncbi_taxonomy_id       32630 
_pdbx_entity_src_syn.details                ? 
# 
loop_
_chem_comp.id 
_chem_comp.type 
_chem_comp.mon_nstd_flag 
_chem_comp.name 
_chem_comp.pdbx_synonyms 
_chem_comp.formula 
_chem_comp.formula_weight 
DC  'DNA linking' y "2'-DEOXYCYTIDINE-5'-MONOPHOSPHATE" ? 'C9 H14 N3 O7 P'  307.197 
DT  'DNA linking' y "THYMIDINE-5'-MONOPHOSPHATE"        ? 'C10 H15 N2 O8 P' 322.208 
MCY 'DNA linking' n "5-METHYL-2'-DEOXYCYTIDINE"         ? 'C10 H15 N3 O4'   241.244 
# 
loop_
_pdbx_poly_seq_scheme.asym_id 
_pdbx_poly_seq_scheme.entity_id 
_pdbx_poly_seq_scheme.seq_id 
_pdbx_poly_seq_scheme.mon_id 
_pdbx_poly_seq_scheme.ndb_seq_num 
_pdbx_poly_seq_scheme.pdb_seq_num 
_pdbx_poly_seq_scheme.auth_seq_num 
_pdbx_poly_seq_scheme.pdb_mon_id 
_pdbx_poly_seq_scheme.auth_mon_id 
_pdbx_poly_seq_scheme.pdb_strand_id 
_pdbx_poly_seq_scheme.pdb_ins_code 
_pdbx_poly_seq_scheme.hetero 
A 1 1 MCY 1 1 1 MCY MCY A . n 
A 1 2 DC  2 2 2 DC  DC  A . n 
A 1 3 DT  3 3 3 DT  DT  A . n 
A 1 4 DC  4 4 4 DC  DC  A . n 
A 1 5 DC  5 5 5 DC  DC  A . n 
B 1 1 MCY 1 1 1 MCY MCY B . n 
B 1 2 DC  2 2 2 DC  DC  B . n 
B 1 3 DT  3 3 3 DT  DT  B . n 
B 1 4 DC  4 4 4 DC  DC  B . n 
B 1 5 DC  5 5 5 DC  DC  B . n 
C 1 1 MCY 1 1 1 MCY MCY C . n 
C 1 2 DC  2 2 2 DC  DC  C . n 
C 1 3 DT  3 3 3 DT  DT  C . n 
C 1 4 DC  4 4 4 DC  DC  C . n 
C 1 5 DC  5 5 5 DC  DC  C . n 
D 1 1 MCY 1 1 1 MCY MCY D . n 
D 1 2 DC  2 2 2 DC  DC  D . n 
D 1 3 DT  3 3 3 DT  DT  D . n 
D 1 4 DC  4 4 4 DC  DC  D . n 
D 1 5 DC  5 5 5 DC  DC  D . n 
# 
loop_
_software.name 
_software.classification 
_software.version 
_software.citation_id 
_software.pdbx_ordinal 
X-PLOR 'model building' 3.1 ? 1 
X-PLOR refinement       3.1 ? 2 
X-PLOR phasing          3.1 ? 3 
# 
_cell.entry_id           1RME 
_cell.length_a           1.000 
_cell.length_b           1.000 
_cell.length_c           1.000 
_cell.angle_alpha        90.00 
_cell.angle_beta         90.00 
_cell.angle_gamma        90.00 
_cell.Z_PDB              1 
_cell.pdbx_unique_axis   ? 
# 
_symmetry.entry_id                         1RME 
_symmetry.space_group_name_H-M             'P 1' 
_symmetry.pdbx_full_space_group_name_H-M   ? 
_symmetry.cell_setting                     ? 
_symmetry.Int_Tables_number                1 
# 
_exptl.entry_id          1RME 
_exptl.method            'SOLUTION NMR' 
_exptl.crystals_number   ? 
# 
_struct.entry_id                  1RME 
_struct.title                     
;DNA (5'-D(MCYP*CP*TP*CP*C)-3') tetramer, NMR, 1 structure
;
_struct.pdbx_model_details        ? 
_struct.pdbx_CASP_flag            ? 
_struct.pdbx_model_type_details   ? 
# 
_struct_keywords.entry_id        1RME 
_struct_keywords.pdbx_keywords   DNA 
_struct_keywords.text            'DEOXYRIBONUCLEIC ACID, I-MOTIF, TETRAMER, DNA' 
# 
loop_
_struct_asym.id 
_struct_asym.pdbx_blank_PDB_chainid_flag 
_struct_asym.pdbx_modified 
_struct_asym.entity_id 
_struct_asym.details 
A N N 1 ? 
B N N 1 ? 
C N N 1 ? 
D N N 1 ? 
# 
_struct_ref.id                         1 
_struct_ref.entity_id                  1 
_struct_ref.db_name                    PDB 
_struct_ref.db_code                    1RME 
_struct_ref.pdbx_db_accession          1RME 
_struct_ref.pdbx_db_isoform            ? 
_struct_ref.pdbx_seq_one_letter_code   ? 
_struct_ref.pdbx_align_begin           ? 
# 
loop_
_struct_ref_seq.align_id 
_struct_ref_seq.ref_id 
_struct_ref_seq.pdbx_PDB_id_code 
_struct_ref_seq.pdbx_strand_id 
_struct_ref_seq.seq_align_beg 
_struct_ref_seq.pdbx_seq_align_beg_ins_code 
_struct_ref_seq.seq_align_end 
_struct_ref_seq.pdbx_seq_align_end_ins_code 
_struct_ref_seq.pdbx_db_accession 
_struct_ref_seq.db_align_beg 
_struct_ref_seq.pdbx_db_align_beg_ins_code 
_struct_ref_seq.db_align_end 
_struct_ref_seq.pdbx_db_align_end_ins_code 
_struct_ref_seq.pdbx_auth_seq_align_beg 
_struct_ref_seq.pdbx_auth_seq_align_end 
1 1 1RME A 1 ? 5 ? 1RME 1 ? 5 ? 1 5 
2 1 1RME B 1 ? 5 ? 1RME 1 ? 5 ? 1 5 
3 1 1RME C 1 ? 5 ? 1RME 1 ? 5 ? 1 5 
4 1 1RME D 1 ? 5 ? 1RME 1 ? 5 ? 1 5 
# 
_pdbx_struct_assembly.id                   1 
_pdbx_struct_assembly.details              author_defined_assembly 
_pdbx_struct_assembly.method_details       ? 
_pdbx_struct_assembly.oligomeric_details   tetrameric 
_pdbx_struct_assembly.oligomeric_count     4 
# 
loop_
_pdbx_struct_assembly_prop.biol_id 
_pdbx_struct_assembly_prop.type 
_pdbx_struct_assembly_prop.value 
_pdbx_struct_assembly_prop.details 
1 'ABSA (A^2)' 3880 ? 
1 MORE         -0   ? 
1 'SSA (A^2)'  2070 ? 
# 
_pdbx_struct_assembly_gen.assembly_id       1 
_pdbx_struct_assembly_gen.oper_expression   1 
_pdbx_struct_assembly_gen.asym_id_list      A,B,C,D 
# 
_pdbx_struct_oper_list.id                   1 
_pdbx_struct_oper_list.type                 'identity operation' 
_pdbx_struct_oper_list.name                 1_555 
_pdbx_struct_oper_list.symmetry_operation   ? 
_pdbx_struct_oper_list.matrix[1][1]         1.0000000000 
_pdbx_struct_oper_list.matrix[1][2]         0.0000000000 
_pdbx_struct_oper_list.matrix[1][3]         0.0000000000 
_pdbx_struct_oper_list.vector[1]            0.0000000000 
_pdbx_struct_oper_list.matrix[2][1]         0.0000000000 
_pdbx_struct_oper_list.matrix[2][2]         1.0000000000 
_pdbx_struct_oper_list.matrix[2][3]         0.0000000000 
_pdbx_struct_oper_list.vector[2]            0.0000000000 
_pdbx_struct_oper_list.matrix[3][1]         0.0000000000 
_pdbx_struct_oper_list.matrix[3][2]         0.0000000000 
_pdbx_struct_oper_list.matrix[3][3]         1.0000000000 
_pdbx_struct_oper_list.vector[3]            0.0000000000 
# 
loop_
_struct_conn.id 
_struct_conn.conn_type_id 
_struct_conn.pdbx_leaving_atom_flag 
_struct_conn.pdbx_PDB_id 
_struct_conn.ptnr1_label_asym_id 
_struct_conn.ptnr1_label_comp_id 
_struct_conn.ptnr1_label_seq_id 
_struct_conn.ptnr1_label_atom_id 
_struct_conn.pdbx_ptnr1_label_alt_id 
_struct_conn.pdbx_ptnr1_PDB_ins_code 
_struct_conn.pdbx_ptnr1_standard_comp_id 
_struct_conn.ptnr1_symmetry 
_struct_conn.ptnr2_label_asym_id 
_struct_conn.ptnr2_label_comp_id 
_struct_conn.ptnr2_label_seq_id 
_struct_conn.ptnr2_label_atom_id 
_struct_conn.pdbx_ptnr2_label_alt_id 
_struct_conn.pdbx_ptnr2_PDB_ins_code 
_struct_conn.ptnr1_auth_asym_id 
_struct_conn.ptnr1_auth_comp_id 
_struct_conn.ptnr1_auth_seq_id 
_struct_conn.ptnr2_auth_asym_id 
_struct_conn.ptnr2_auth_comp_id 
_struct_conn.ptnr2_auth_seq_id 
_struct_conn.ptnr2_symmetry 
_struct_conn.pdbx_ptnr3_label_atom_id 
_struct_conn.pdbx_ptnr3_label_seq_id 
_struct_conn.pdbx_ptnr3_label_comp_id 
_struct_conn.pdbx_ptnr3_label_asym_id 
_struct_conn.pdbx_ptnr3_label_alt_id 
_struct_conn.pdbx_ptnr3_PDB_ins_code 
_struct_conn.details 
_struct_conn.pdbx_dist_value 
_struct_conn.pdbx_value_order 
_struct_conn.pdbx_role 
covale1  covale both ? A MCY 1 "O3'" ? ? ? 1_555 A DC  2 P  ? ? A MCY 1 A DC  2 1_555 ? ? ? ? ? ? ?            1.616 ? ? 
covale2  covale both ? B MCY 1 "O3'" ? ? ? 1_555 B DC  2 P  ? ? B MCY 1 B DC  2 1_555 ? ? ? ? ? ? ?            1.614 ? ? 
covale3  covale both ? C MCY 1 "O3'" ? ? ? 1_555 C DC  2 P  ? ? C MCY 1 C DC  2 1_555 ? ? ? ? ? ? ?            1.616 ? ? 
covale4  covale both ? D MCY 1 "O3'" ? ? ? 1_555 D DC  2 P  ? ? D MCY 1 D DC  2 1_555 ? ? ? ? ? ? ?            1.613 ? ? 
hydrog1  hydrog ?    ? A MCY 1 N4    ? ? ? 1_555 C MCY 1 O2 ? ? A MCY 1 C MCY 1 1_555 ? ? ? ? ? ? TYPE_15_PAIR ?     ? ? 
hydrog2  hydrog ?    ? A MCY 1 O2    ? ? ? 1_555 C MCY 1 N4 ? ? A MCY 1 C MCY 1 1_555 ? ? ? ? ? ? TYPE_15_PAIR ?     ? ? 
hydrog3  hydrog ?    ? A DC  2 N4    ? ? ? 1_555 C DC  2 O2 ? ? A DC  2 C DC  2 1_555 ? ? ? ? ? ? TYPE_15_PAIR ?     ? ? 
hydrog4  hydrog ?    ? A DC  2 O2    ? ? ? 1_555 C DC  2 N4 ? ? A DC  2 C DC  2 1_555 ? ? ? ? ? ? TYPE_15_PAIR ?     ? ? 
hydrog5  hydrog ?    ? A DT  3 N3    ? ? ? 1_555 C DT  3 O4 ? ? A DT  3 C DT  3 1_555 ? ? ? ? ? ? TYPE_12_PAIR ?     ? ? 
hydrog6  hydrog ?    ? A DT  3 O4    ? ? ? 1_555 C DT  3 N3 ? ? A DT  3 C DT  3 1_555 ? ? ? ? ? ? TYPE_12_PAIR ?     ? ? 
hydrog7  hydrog ?    ? A DC  4 N4    ? ? ? 1_555 C DC  4 O2 ? ? A DC  4 C DC  4 1_555 ? ? ? ? ? ? TYPE_15_PAIR ?     ? ? 
hydrog8  hydrog ?    ? A DC  4 O2    ? ? ? 1_555 C DC  4 N4 ? ? A DC  4 C DC  4 1_555 ? ? ? ? ? ? TYPE_15_PAIR ?     ? ? 
hydrog9  hydrog ?    ? A DC  5 N4    ? ? ? 1_555 C DC  5 O2 ? ? A DC  5 C DC  5 1_555 ? ? ? ? ? ? TYPE_15_PAIR ?     ? ? 
hydrog10 hydrog ?    ? A DC  5 O2    ? ? ? 1_555 C DC  5 N4 ? ? A DC  5 C DC  5 1_555 ? ? ? ? ? ? TYPE_15_PAIR ?     ? ? 
hydrog11 hydrog ?    ? B MCY 1 N4    ? ? ? 1_555 D MCY 1 O2 ? ? B MCY 1 D MCY 1 1_555 ? ? ? ? ? ? TYPE_15_PAIR ?     ? ? 
hydrog12 hydrog ?    ? B MCY 1 O2    ? ? ? 1_555 D MCY 1 N4 ? ? B MCY 1 D MCY 1 1_555 ? ? ? ? ? ? TYPE_15_PAIR ?     ? ? 
hydrog13 hydrog ?    ? B DC  2 N4    ? ? ? 1_555 D DC  2 O2 ? ? B DC  2 D DC  2 1_555 ? ? ? ? ? ? TYPE_15_PAIR ?     ? ? 
hydrog14 hydrog ?    ? B DC  2 O2    ? ? ? 1_555 D DC  2 N4 ? ? B DC  2 D DC  2 1_555 ? ? ? ? ? ? TYPE_15_PAIR ?     ? ? 
hydrog15 hydrog ?    ? B DC  4 N4    ? ? ? 1_555 D DC  4 O2 ? ? B DC  4 D DC  4 1_555 ? ? ? ? ? ? TYPE_15_PAIR ?     ? ? 
hydrog16 hydrog ?    ? B DC  4 O2    ? ? ? 1_555 D DC  4 N4 ? ? B DC  4 D DC  4 1_555 ? ? ? ? ? ? TYPE_15_PAIR ?     ? ? 
hydrog17 hydrog ?    ? B DC  5 N4    ? ? ? 1_555 D DC  5 O2 ? ? B DC  5 D DC  5 1_555 ? ? ? ? ? ? TYPE_15_PAIR ?     ? ? 
hydrog18 hydrog ?    ? B DC  5 O2    ? ? ? 1_555 D DC  5 N4 ? ? B DC  5 D DC  5 1_555 ? ? ? ? ? ? TYPE_15_PAIR ?     ? ? 
# 
loop_
_struct_conn_type.id 
_struct_conn_type.criteria 
_struct_conn_type.reference 
covale ? ? 
hydrog ? ? 
# 
loop_
_pdbx_validate_rmsd_angle.id 
_pdbx_validate_rmsd_angle.PDB_model_num 
_pdbx_validate_rmsd_angle.auth_atom_id_1 
_pdbx_validate_rmsd_angle.auth_asym_id_1 
_pdbx_validate_rmsd_angle.auth_comp_id_1 
_pdbx_validate_rmsd_angle.auth_seq_id_1 
_pdbx_validate_rmsd_angle.PDB_ins_code_1 
_pdbx_validate_rmsd_angle.label_alt_id_1 
_pdbx_validate_rmsd_angle.auth_atom_id_2 
_pdbx_validate_rmsd_angle.auth_asym_id_2 
_pdbx_validate_rmsd_angle.auth_comp_id_2 
_pdbx_validate_rmsd_angle.auth_seq_id_2 
_pdbx_validate_rmsd_angle.PDB_ins_code_2 
_pdbx_validate_rmsd_angle.label_alt_id_2 
_pdbx_validate_rmsd_angle.auth_atom_id_3 
_pdbx_validate_rmsd_angle.auth_asym_id_3 
_pdbx_validate_rmsd_angle.auth_comp_id_3 
_pdbx_validate_rmsd_angle.auth_seq_id_3 
_pdbx_validate_rmsd_angle.PDB_ins_code_3 
_pdbx_validate_rmsd_angle.label_alt_id_3 
_pdbx_validate_rmsd_angle.angle_value 
_pdbx_validate_rmsd_angle.angle_target_value 
_pdbx_validate_rmsd_angle.angle_deviation 
_pdbx_validate_rmsd_angle.angle_standard_deviation 
_pdbx_validate_rmsd_angle.linker_flag 
1  1 "O4'" A DC 2 ? ? "C1'" A DC 2 ? ? N1 A DC 2 ? ? 111.03 108.30 2.73 0.30 N 
2  1 "O4'" A DT 3 ? ? "C1'" A DT 3 ? ? N1 A DT 3 ? ? 110.53 108.30 2.23 0.30 N 
3  1 "O4'" A DC 4 ? ? "C1'" A DC 4 ? ? N1 A DC 4 ? ? 110.60 108.30 2.30 0.30 N 
4  1 "O4'" A DC 5 ? ? "C1'" A DC 5 ? ? N1 A DC 5 ? ? 111.08 108.30 2.78 0.30 N 
5  1 "O4'" B DC 2 ? ? "C1'" B DC 2 ? ? N1 B DC 2 ? ? 111.14 108.30 2.84 0.30 N 
6  1 "O4'" B DT 3 ? ? "C1'" B DT 3 ? ? N1 B DT 3 ? ? 110.58 108.30 2.28 0.30 N 
7  1 "O4'" B DC 4 ? ? "C1'" B DC 4 ? ? N1 B DC 4 ? ? 110.69 108.30 2.39 0.30 N 
8  1 "O4'" B DC 5 ? ? "C1'" B DC 5 ? ? N1 B DC 5 ? ? 110.91 108.30 2.61 0.30 N 
9  1 "O4'" C DC 2 ? ? "C1'" C DC 2 ? ? N1 C DC 2 ? ? 111.22 108.30 2.92 0.30 N 
10 1 C2    C DC 2 ? ? N3    C DC 2 ? ? C4 C DC 2 ? ? 123.18 119.90 3.28 0.50 N 
11 1 N1    C DC 2 ? ? C2    C DC 2 ? ? O2 C DC 2 ? ? 122.59 118.90 3.69 0.60 N 
12 1 "O4'" C DT 3 ? ? "C1'" C DT 3 ? ? N1 C DT 3 ? ? 110.89 108.30 2.59 0.30 N 
13 1 "O4'" C DC 4 ? ? "C1'" C DC 4 ? ? N1 C DC 4 ? ? 111.50 108.30 3.20 0.30 N 
14 1 C2    C DC 4 ? ? N3    C DC 4 ? ? C4 C DC 4 ? ? 123.12 119.90 3.22 0.50 N 
15 1 "O4'" C DC 5 ? ? "C1'" C DC 5 ? ? N1 C DC 5 ? ? 110.97 108.30 2.67 0.30 N 
16 1 C2    C DC 5 ? ? N3    C DC 5 ? ? C4 C DC 5 ? ? 123.08 119.90 3.18 0.50 N 
17 1 "O4'" D DC 2 ? ? "C1'" D DC 2 ? ? N1 D DC 2 ? ? 111.36 108.30 3.06 0.30 N 
18 1 C2    D DC 2 ? ? N3    D DC 2 ? ? C4 D DC 2 ? ? 123.10 119.90 3.20 0.50 N 
19 1 "O4'" D DT 3 ? ? "C1'" D DT 3 ? ? N1 D DT 3 ? ? 110.69 108.30 2.39 0.30 N 
20 1 "O4'" D DC 4 ? ? "C1'" D DC 4 ? ? N1 D DC 4 ? ? 110.89 108.30 2.59 0.30 N 
21 1 C2    D DC 4 ? ? N3    D DC 4 ? ? C4 D DC 4 ? ? 123.03 119.90 3.13 0.50 N 
22 1 N1    D DC 4 ? ? C2    D DC 4 ? ? O2 D DC 4 ? ? 122.53 118.90 3.63 0.60 N 
23 1 "O4'" D DC 5 ? ? "C1'" D DC 5 ? ? N1 D DC 5 ? ? 110.84 108.30 2.54 0.30 N 
24 1 C2    D DC 5 ? ? N3    D DC 5 ? ? C4 D DC 5 ? ? 123.11 119.90 3.21 0.50 N 
# 
loop_
_pdbx_struct_mod_residue.id 
_pdbx_struct_mod_residue.label_asym_id 
_pdbx_struct_mod_residue.label_comp_id 
_pdbx_struct_mod_residue.label_seq_id 
_pdbx_struct_mod_residue.auth_asym_id 
_pdbx_struct_mod_residue.auth_comp_id 
_pdbx_struct_mod_residue.auth_seq_id 
_pdbx_struct_mod_residue.PDB_ins_code 
_pdbx_struct_mod_residue.parent_comp_id 
_pdbx_struct_mod_residue.details 
1 A MCY 1 A MCY 1 ? DC "5-METHYL-2'-DEOXYCYTIDINE" 
2 B MCY 1 B MCY 1 ? DC "5-METHYL-2'-DEOXYCYTIDINE" 
3 C MCY 1 C MCY 1 ? DC "5-METHYL-2'-DEOXYCYTIDINE" 
4 D MCY 1 D MCY 1 ? DC "5-METHYL-2'-DEOXYCYTIDINE" 
# 
_pdbx_nmr_ensemble.entry_id                             1RME 
_pdbx_nmr_ensemble.conformers_calculated_total_number   24 
_pdbx_nmr_ensemble.conformers_submitted_total_number    1 
_pdbx_nmr_ensemble.conformer_selection_criteria         'structures with the least restraint violations' 
# 
loop_
_pdbx_nmr_sample_details.contents 
_pdbx_nmr_sample_details.details 
_pdbx_nmr_sample_details.label 
_pdbx_nmr_sample_details.solution_id 
_pdbx_nmr_sample_details.solvent_system 
_pdbx_nmr_sample_details.type 
'8 mM d(5mCCTCC), 90% H20/10% D2O' ? sample_1 1 '90% H2O/10% D2O' solution 
'8 mM d(5mCCTCC), 100% D2O'        ? sample_2 2 '100% D2O'        solution 
# 
loop_
_pdbx_nmr_exptl_sample.component 
_pdbx_nmr_exptl_sample.concentration 
_pdbx_nmr_exptl_sample.concentration_range 
_pdbx_nmr_exptl_sample.concentration_units 
_pdbx_nmr_exptl_sample.isotopic_labeling 
_pdbx_nmr_exptl_sample.solution_id 
'd(5mCCTCC)' 8 ? mM ? 1 
'd(5mCCTCC)' 8 ? mM ? 2 
# 
_pdbx_nmr_exptl_sample_conditions.conditions_id          1 
_pdbx_nmr_exptl_sample_conditions.temperature            ? 
_pdbx_nmr_exptl_sample_conditions.pressure               ? 
_pdbx_nmr_exptl_sample_conditions.pH                     4.6 
_pdbx_nmr_exptl_sample_conditions.ionic_strength         ? 
_pdbx_nmr_exptl_sample_conditions.pressure_units         . 
_pdbx_nmr_exptl_sample_conditions.temperature_units      K 
_pdbx_nmr_exptl_sample_conditions.label                  ? 
_pdbx_nmr_exptl_sample_conditions.pH_units               ? 
_pdbx_nmr_exptl_sample_conditions.ionic_strength_units   ? 
# 
loop_
_pdbx_nmr_exptl.experiment_id 
_pdbx_nmr_exptl.conditions_id 
_pdbx_nmr_exptl.type 
_pdbx_nmr_exptl.solution_id 
1 1 NOESY         1 
2 1 TOCSY         1 
3 1 '1H EXCHANGE' 1 
4 1 NOESY-ROESY   1 
5 1 TOCSY         2 
6 1 NOESY         2 
# 
_pdbx_nmr_refine.entry_id           1RME 
_pdbx_nmr_refine.method             'simulated annealing' 
_pdbx_nmr_refine.details            ? 
_pdbx_nmr_refine.software_ordinal   1 
# 
loop_
_pdbx_nmr_software.classification 
_pdbx_nmr_software.name 
_pdbx_nmr_software.version 
_pdbx_nmr_software.authors 
_pdbx_nmr_software.ordinal 
refinement           X-PLOR 3.1 BRUNGER 1 
'structure solution' X-PLOR 3.1 BRUNGER 2 
# 
loop_
_chem_comp_atom.comp_id 
_chem_comp_atom.atom_id 
_chem_comp_atom.type_symbol 
_chem_comp_atom.pdbx_aromatic_flag 
_chem_comp_atom.pdbx_stereo_config 
_chem_comp_atom.pdbx_ordinal 
DC  OP3    O N N 1   
DC  P      P N N 2   
DC  OP1    O N N 3   
DC  OP2    O N N 4   
DC  "O5'"  O N N 5   
DC  "C5'"  C N N 6   
DC  "C4'"  C N R 7   
DC  "O4'"  O N N 8   
DC  "C3'"  C N S 9   
DC  "O3'"  O N N 10  
DC  "C2'"  C N N 11  
DC  "C1'"  C N R 12  
DC  N1     N N N 13  
DC  C2     C N N 14  
DC  O2     O N N 15  
DC  N3     N N N 16  
DC  C4     C N N 17  
DC  N4     N N N 18  
DC  C5     C N N 19  
DC  C6     C N N 20  
DC  HOP3   H N N 21  
DC  HOP2   H N N 22  
DC  "H5'"  H N N 23  
DC  "H5''" H N N 24  
DC  "H4'"  H N N 25  
DC  "H3'"  H N N 26  
DC  "HO3'" H N N 27  
DC  "H2'"  H N N 28  
DC  "H2''" H N N 29  
DC  "H1'"  H N N 30  
DC  H41    H N N 31  
DC  H42    H N N 32  
DC  H5     H N N 33  
DC  H6     H N N 34  
DT  OP3    O N N 35  
DT  P      P N N 36  
DT  OP1    O N N 37  
DT  OP2    O N N 38  
DT  "O5'"  O N N 39  
DT  "C5'"  C N N 40  
DT  "C4'"  C N R 41  
DT  "O4'"  O N N 42  
DT  "C3'"  C N S 43  
DT  "O3'"  O N N 44  
DT  "C2'"  C N N 45  
DT  "C1'"  C N R 46  
DT  N1     N N N 47  
DT  C2     C N N 48  
DT  O2     O N N 49  
DT  N3     N N N 50  
DT  C4     C N N 51  
DT  O4     O N N 52  
DT  C5     C N N 53  
DT  C7     C N N 54  
DT  C6     C N N 55  
DT  HOP3   H N N 56  
DT  HOP2   H N N 57  
DT  "H5'"  H N N 58  
DT  "H5''" H N N 59  
DT  "H4'"  H N N 60  
DT  "H3'"  H N N 61  
DT  "HO3'" H N N 62  
DT  "H2'"  H N N 63  
DT  "H2''" H N N 64  
DT  "H1'"  H N N 65  
DT  H3     H N N 66  
DT  H71    H N N 67  
DT  H72    H N N 68  
DT  H73    H N N 69  
DT  H6     H N N 70  
MCY N1     N N N 71  
MCY C2     C N N 72  
MCY N3     N N N 73  
MCY C4     C N N 74  
MCY C5     C N N 75  
MCY C6     C N N 76  
MCY O2     O N N 77  
MCY N4     N N N 78  
MCY "C1'"  C N R 79  
MCY "C2'"  C N N 80  
MCY "C3'"  C N S 81  
MCY "C4'"  C N R 82  
MCY "O4'"  O N N 83  
MCY "O3'"  O N N 84  
MCY "C5'"  C N N 85  
MCY "O5'"  O N N 86  
MCY C5A    C N N 87  
MCY H6     H N N 88  
MCY HN41   H N N 89  
MCY HN42   H N N 90  
MCY "H1'"  H N N 91  
MCY "H2'"  H N N 92  
MCY "H2''" H N N 93  
MCY "H3'"  H N N 94  
MCY "H4'"  H N N 95  
MCY "HO3'" H N N 96  
MCY "H5'"  H N N 97  
MCY "H5''" H N N 98  
MCY "HO5'" H N N 99  
MCY H5A1   H N N 100 
MCY H5A2   H N N 101 
MCY H5A3   H N N 102 
# 
loop_
_chem_comp_bond.comp_id 
_chem_comp_bond.atom_id_1 
_chem_comp_bond.atom_id_2 
_chem_comp_bond.value_order 
_chem_comp_bond.pdbx_aromatic_flag 
_chem_comp_bond.pdbx_stereo_config 
_chem_comp_bond.pdbx_ordinal 
DC  OP3   P      sing N N 1   
DC  OP3   HOP3   sing N N 2   
DC  P     OP1    doub N N 3   
DC  P     OP2    sing N N 4   
DC  P     "O5'"  sing N N 5   
DC  OP2   HOP2   sing N N 6   
DC  "O5'" "C5'"  sing N N 7   
DC  "C5'" "C4'"  sing N N 8   
DC  "C5'" "H5'"  sing N N 9   
DC  "C5'" "H5''" sing N N 10  
DC  "C4'" "O4'"  sing N N 11  
DC  "C4'" "C3'"  sing N N 12  
DC  "C4'" "H4'"  sing N N 13  
DC  "O4'" "C1'"  sing N N 14  
DC  "C3'" "O3'"  sing N N 15  
DC  "C3'" "C2'"  sing N N 16  
DC  "C3'" "H3'"  sing N N 17  
DC  "O3'" "HO3'" sing N N 18  
DC  "C2'" "C1'"  sing N N 19  
DC  "C2'" "H2'"  sing N N 20  
DC  "C2'" "H2''" sing N N 21  
DC  "C1'" N1     sing N N 22  
DC  "C1'" "H1'"  sing N N 23  
DC  N1    C2     sing N N 24  
DC  N1    C6     sing N N 25  
DC  C2    O2     doub N N 26  
DC  C2    N3     sing N N 27  
DC  N3    C4     doub N N 28  
DC  C4    N4     sing N N 29  
DC  C4    C5     sing N N 30  
DC  N4    H41    sing N N 31  
DC  N4    H42    sing N N 32  
DC  C5    C6     doub N N 33  
DC  C5    H5     sing N N 34  
DC  C6    H6     sing N N 35  
DT  OP3   P      sing N N 36  
DT  OP3   HOP3   sing N N 37  
DT  P     OP1    doub N N 38  
DT  P     OP2    sing N N 39  
DT  P     "O5'"  sing N N 40  
DT  OP2   HOP2   sing N N 41  
DT  "O5'" "C5'"  sing N N 42  
DT  "C5'" "C4'"  sing N N 43  
DT  "C5'" "H5'"  sing N N 44  
DT  "C5'" "H5''" sing N N 45  
DT  "C4'" "O4'"  sing N N 46  
DT  "C4'" "C3'"  sing N N 47  
DT  "C4'" "H4'"  sing N N 48  
DT  "O4'" "C1'"  sing N N 49  
DT  "C3'" "O3'"  sing N N 50  
DT  "C3'" "C2'"  sing N N 51  
DT  "C3'" "H3'"  sing N N 52  
DT  "O3'" "HO3'" sing N N 53  
DT  "C2'" "C1'"  sing N N 54  
DT  "C2'" "H2'"  sing N N 55  
DT  "C2'" "H2''" sing N N 56  
DT  "C1'" N1     sing N N 57  
DT  "C1'" "H1'"  sing N N 58  
DT  N1    C2     sing N N 59  
DT  N1    C6     sing N N 60  
DT  C2    O2     doub N N 61  
DT  C2    N3     sing N N 62  
DT  N3    C4     sing N N 63  
DT  N3    H3     sing N N 64  
DT  C4    O4     doub N N 65  
DT  C4    C5     sing N N 66  
DT  C5    C7     sing N N 67  
DT  C5    C6     doub N N 68  
DT  C7    H71    sing N N 69  
DT  C7    H72    sing N N 70  
DT  C7    H73    sing N N 71  
DT  C6    H6     sing N N 72  
MCY N1    C2     sing N N 73  
MCY N1    C6     sing N N 74  
MCY N1    "C1'"  sing N N 75  
MCY C2    N3     sing N N 76  
MCY C2    O2     doub N N 77  
MCY N3    C4     doub N N 78  
MCY C4    C5     sing N N 79  
MCY C4    N4     sing N N 80  
MCY C5    C6     doub N N 81  
MCY C5    C5A    sing N N 82  
MCY C6    H6     sing N N 83  
MCY N4    HN41   sing N N 84  
MCY N4    HN42   sing N N 85  
MCY "C1'" "C2'"  sing N N 86  
MCY "C1'" "O4'"  sing N N 87  
MCY "C1'" "H1'"  sing N N 88  
MCY "C2'" "C3'"  sing N N 89  
MCY "C2'" "H2'"  sing N N 90  
MCY "C2'" "H2''" sing N N 91  
MCY "C3'" "C4'"  sing N N 92  
MCY "C3'" "O3'"  sing N N 93  
MCY "C3'" "H3'"  sing N N 94  
MCY "C4'" "O4'"  sing N N 95  
MCY "C4'" "C5'"  sing N N 96  
MCY "C4'" "H4'"  sing N N 97  
MCY "O3'" "HO3'" sing N N 98  
MCY "C5'" "O5'"  sing N N 99  
MCY "C5'" "H5'"  sing N N 100 
MCY "C5'" "H5''" sing N N 101 
MCY "O5'" "HO5'" sing N N 102 
MCY C5A   H5A1   sing N N 103 
MCY C5A   H5A2   sing N N 104 
MCY C5A   H5A3   sing N N 105 
# 
_ndb_struct_conf_na.entry_id   1RME 
_ndb_struct_conf_na.feature    'double helix' 
# 
loop_
_ndb_struct_na_base_pair.model_number 
_ndb_struct_na_base_pair.i_label_asym_id 
_ndb_struct_na_base_pair.i_label_comp_id 
_ndb_struct_na_base_pair.i_label_seq_id 
_ndb_struct_na_base_pair.i_symmetry 
_ndb_struct_na_base_pair.j_label_asym_id 
_ndb_struct_na_base_pair.j_label_comp_id 
_ndb_struct_na_base_pair.j_label_seq_id 
_ndb_struct_na_base_pair.j_symmetry 
_ndb_struct_na_base_pair.shear 
_ndb_struct_na_base_pair.stretch 
_ndb_struct_na_base_pair.stagger 
_ndb_struct_na_base_pair.buckle 
_ndb_struct_na_base_pair.propeller 
_ndb_struct_na_base_pair.opening 
_ndb_struct_na_base_pair.pair_number 
_ndb_struct_na_base_pair.pair_name 
_ndb_struct_na_base_pair.i_auth_asym_id 
_ndb_struct_na_base_pair.i_auth_seq_id 
_ndb_struct_na_base_pair.i_PDB_ins_code 
_ndb_struct_na_base_pair.j_auth_asym_id 
_ndb_struct_na_base_pair.j_auth_seq_id 
_ndb_struct_na_base_pair.j_PDB_ins_code 
_ndb_struct_na_base_pair.hbond_type_28 
_ndb_struct_na_base_pair.hbond_type_12 
1 A DC  5 1_555 C DC  5 1_555 2.131  1.905  0.097  5.052   5.304   179.503  1 A_DC5:DC5_C   A 5 ? C 5 ? 15 2 
1 D MCY 1 1_555 B MCY 1 1_555 -2.114 -1.433 -0.016 11.703  -10.633 -179.624 2 D_MCY1:MCY1_B D 1 ? B 1 ? 15 2 
1 A DC  4 1_555 C DC  4 1_555 1.969  1.583  -0.001 -4.456  13.085  179.268  3 A_DC4:DC4_C   A 4 ? C 4 ? 15 2 
1 D DC  2 1_555 B DC  2 1_555 -1.914 -0.496 -0.023 7.670   3.374   -179.915 4 D_DC2:DC2_B   D 2 ? B 2 ? 15 2 
1 A DT  3 1_555 C DT  3 1_555 -1.351 0.449  -0.267 11.701  -27.670 -172.580 5 A_DT3:DT3_C   A 3 ? C 3 ? 12 2 
1 C DC  2 1_555 A DC  2 1_555 1.977  0.360  0.087  -13.523 -12.093 179.060  6 C_DC2:DC2_A   C 2 ? A 2 ? 15 2 
1 B DC  4 1_555 D DC  4 1_555 1.991  1.857  0.023  17.272  27.118  179.676  7 B_DC4:DC4_D   B 4 ? D 4 ? 15 2 
1 C MCY 1 1_555 A MCY 1 1_555 2.143  1.649  -0.034 -11.908 -5.909  179.963  8 C_MCY1:MCY1_A C 1 ? A 1 ? 15 2 
1 B DC  5 1_555 D DC  5 1_555 1.972  1.860  -0.223 -28.101 -38.403 178.027  9 B_DC5:DC5_D   B 5 ? D 5 ? 15 2 
# 
loop_
_ndb_struct_na_base_pair_step.model_number 
_ndb_struct_na_base_pair_step.i_label_asym_id_1 
_ndb_struct_na_base_pair_step.i_label_comp_id_1 
_ndb_struct_na_base_pair_step.i_label_seq_id_1 
_ndb_struct_na_base_pair_step.i_symmetry_1 
_ndb_struct_na_base_pair_step.j_label_asym_id_1 
_ndb_struct_na_base_pair_step.j_label_comp_id_1 
_ndb_struct_na_base_pair_step.j_label_seq_id_1 
_ndb_struct_na_base_pair_step.j_symmetry_1 
_ndb_struct_na_base_pair_step.i_label_asym_id_2 
_ndb_struct_na_base_pair_step.i_label_comp_id_2 
_ndb_struct_na_base_pair_step.i_label_seq_id_2 
_ndb_struct_na_base_pair_step.i_symmetry_2 
_ndb_struct_na_base_pair_step.j_label_asym_id_2 
_ndb_struct_na_base_pair_step.j_label_comp_id_2 
_ndb_struct_na_base_pair_step.j_label_seq_id_2 
_ndb_struct_na_base_pair_step.j_symmetry_2 
_ndb_struct_na_base_pair_step.shift 
_ndb_struct_na_base_pair_step.slide 
_ndb_struct_na_base_pair_step.rise 
_ndb_struct_na_base_pair_step.tilt 
_ndb_struct_na_base_pair_step.roll 
_ndb_struct_na_base_pair_step.twist 
_ndb_struct_na_base_pair_step.x_displacement 
_ndb_struct_na_base_pair_step.y_displacement 
_ndb_struct_na_base_pair_step.helical_rise 
_ndb_struct_na_base_pair_step.inclination 
_ndb_struct_na_base_pair_step.tip 
_ndb_struct_na_base_pair_step.helical_twist 
_ndb_struct_na_base_pair_step.step_number 
_ndb_struct_na_base_pair_step.step_name 
_ndb_struct_na_base_pair_step.i_auth_asym_id_1 
_ndb_struct_na_base_pair_step.i_auth_seq_id_1 
_ndb_struct_na_base_pair_step.i_PDB_ins_code_1 
_ndb_struct_na_base_pair_step.j_auth_asym_id_1 
_ndb_struct_na_base_pair_step.j_auth_seq_id_1 
_ndb_struct_na_base_pair_step.j_PDB_ins_code_1 
_ndb_struct_na_base_pair_step.i_auth_asym_id_2 
_ndb_struct_na_base_pair_step.i_auth_seq_id_2 
_ndb_struct_na_base_pair_step.i_PDB_ins_code_2 
_ndb_struct_na_base_pair_step.j_auth_asym_id_2 
_ndb_struct_na_base_pair_step.j_auth_seq_id_2 
_ndb_struct_na_base_pair_step.j_PDB_ins_code_2 
1 A DC  5 1_555 C DC  5 1_555 D MCY 1 1_555 B MCY 1 1_555 -2.058 -1.481 0.070  112.825  -138.535 -154.972 0.748  -1.023 0.101  
69.280  56.422  -179.711 1 AD_DC5MCY1:MCY1DC5_BC A 5 ? C 5 ? D 1 ? B 1 ? 
1 D MCY 1 1_555 B MCY 1 1_555 A DC  4 1_555 C DC  4 1_555 2.443  2.492  -0.038 129.021  -125.019 -76.148  -1.259 1.208  -0.039 
62.556  64.558  -179.729 2 DA_MCY1DC4:DC4MCY1_CB D 1 ? B 1 ? A 4 ? C 4 ? 
1 A DC  4 1_555 C DC  4 1_555 D DC  2 1_555 B DC  2 1_555 2.170  1.631  -0.012 -111.870 139.448  38.615   0.842  -1.063 -0.085 
70.044  56.191  178.844  3 AD_DC4DC2:DC2DC4_BC   A 4 ? C 4 ? D 2 ? B 2 ? 
1 D DC  2 1_555 B DC  2 1_555 A DT  3 1_555 C DT  3 1_555 -3.052 2.024  -0.110 105.353  142.525  -111.356 -1.000 -1.535 0.014  
-71.456 52.819  -178.442 4 DA_DC2DT3:DT3DC2_CB   D 2 ? B 2 ? A 3 ? C 3 ? 
1 A DT  3 1_555 C DT  3 1_555 C DC  2 1_555 A DC  2 1_555 -0.177 0.178  -2.070 -0.665   1.989    -15.902  0.281  -0.325 -2.082 
-7.150  -2.391  -16.039  5 AC_DT3DC2:DC2DT3_AC   A 3 ? C 3 ? C 2 ? A 2 ? 
1 C DC  2 1_555 A DC  2 1_555 B DC  4 1_555 D DC  4 1_555 -1.988 2.072  0.036  -129.011 -123.922 -51.581  -1.025 -1.006 0.017  
62.179  -64.732 -178.998 6 CB_DC2DC4:DC4DC2_DA   C 2 ? A 2 ? B 4 ? D 4 ? 
1 B DC  4 1_555 D DC  4 1_555 C MCY 1 1_555 A MCY 1 1_555 3.081  -2.361 -0.075 -112.360 -139.601 -157.415 1.175  1.545  -0.056 
69.807  -56.185 -179.844 7 BC_DC4MCY1:MCY1DC4_AD B 4 ? D 4 ? C 1 ? A 1 ? 
1 C MCY 1 1_555 A MCY 1 1_555 B DC  5 1_555 D DC  5 1_555 -3.516 4.478  0.097  -138.813 -109.077 2.816    2.269  1.721  0.000  
-55.581 70.733  176.542  8 CB_MCY1DC5:DC5MCY1_DA C 1 ? A 1 ? B 5 ? D 5 ? 
# 
loop_
_pdbx_nmr_spectrometer.spectrometer_id 
_pdbx_nmr_spectrometer.model 
_pdbx_nmr_spectrometer.manufacturer 
_pdbx_nmr_spectrometer.field_strength 
_pdbx_nmr_spectrometer.type 
1 'HOME-MADE SPECTROMETER' Home-built 360 ? 
2 AMX                      Bruker     600 ? 
# 
_atom_sites.entry_id                    1RME 
_atom_sites.fract_transf_matrix[1][1]   1.000000 
_atom_sites.fract_transf_matrix[1][2]   0.000000 
_atom_sites.fract_transf_matrix[1][3]   0.000000 
_atom_sites.fract_transf_matrix[2][1]   0.000000 
_atom_sites.fract_transf_matrix[2][2]   1.000000 
_atom_sites.fract_transf_matrix[2][3]   0.000000 
_atom_sites.fract_transf_matrix[3][1]   0.000000 
_atom_sites.fract_transf_matrix[3][2]   0.000000 
_atom_sites.fract_transf_matrix[3][3]   1.000000 
_atom_sites.fract_transf_vector[1]      0.00000 
_atom_sites.fract_transf_vector[2]      0.00000 
_atom_sites.fract_transf_vector[3]      0.00000 
# 
loop_
_atom_type.symbol 
C 
H 
N 
O 
P 
# 
loop_
_atom_site.group_PDB 
_atom_site.id 
_atom_site.type_symbol 
_atom_site.label_atom_id 
_atom_site.label_alt_id 
_atom_site.label_comp_id 
_atom_site.label_asym_id 
_atom_site.label_entity_id 
_atom_site.label_seq_id 
_atom_site.pdbx_PDB_ins_code 
_atom_site.Cartn_x 
_atom_site.Cartn_y 
_atom_site.Cartn_z 
_atom_site.occupancy 
_atom_site.B_iso_or_equiv 
_atom_site.pdbx_formal_charge 
_atom_site.auth_seq_id 
_atom_site.auth_comp_id 
_atom_site.auth_asym_id 
_atom_site.auth_atom_id 
_atom_site.pdbx_PDB_model_num 
HETATM 1   N N1     . MCY A 1 1 ? 3.330   -6.493  6.274   1.00 0.00 ? 1 MCY A N1     1 
HETATM 2   C C2     . MCY A 1 1 ? 2.480   -7.013  5.321   1.00 0.00 ? 1 MCY A C2     1 
HETATM 3   N N3     . MCY A 1 1 ? 1.149   -7.018  5.600   1.00 0.00 ? 1 MCY A N3     1 
HETATM 4   C C4     . MCY A 1 1 ? 0.674   -6.536  6.763   1.00 0.00 ? 1 MCY A C4     1 
HETATM 5   C C5     . MCY A 1 1 ? 1.517   -6.034  7.690   1.00 0.00 ? 1 MCY A C5     1 
HETATM 6   C C6     . MCY A 1 1 ? 2.836   -6.011  7.447   1.00 0.00 ? 1 MCY A C6     1 
HETATM 7   O O2     . MCY A 1 1 ? 2.921   -7.460  4.263   1.00 0.00 ? 1 MCY A O2     1 
HETATM 8   N N4     . MCY A 1 1 ? -0.640  -6.541  6.989   1.00 0.00 ? 1 MCY A N4     1 
HETATM 9   C "C1'"  . MCY A 1 1 ? 4.781   -6.464  5.980   1.00 0.00 ? 1 MCY A "C1'"  1 
HETATM 10  C "C2'"  . MCY A 1 1 ? 5.245   -5.041  5.729   1.00 0.00 ? 1 MCY A "C2'"  1 
HETATM 11  C "C3'"  . MCY A 1 1 ? 6.178   -4.689  6.855   1.00 0.00 ? 1 MCY A "C3'"  1 
HETATM 12  C "C4'"  . MCY A 1 1 ? 6.432   -5.983  7.613   1.00 0.00 ? 1 MCY A "C4'"  1 
HETATM 13  O "O4'"  . MCY A 1 1 ? 5.541   -6.991  7.090   1.00 0.00 ? 1 MCY A "O4'"  1 
HETATM 14  O "O3'"  . MCY A 1 1 ? 7.405   -4.106  6.381   1.00 0.00 ? 1 MCY A "O3'"  1 
HETATM 15  C "C5'"  . MCY A 1 1 ? 6.209   -5.792  9.113   1.00 0.00 ? 1 MCY A "C5'"  1 
HETATM 16  O "O5'"  . MCY A 1 1 ? 6.742   -4.548  9.574   1.00 0.00 ? 1 MCY A "O5'"  1 
HETATM 17  C C5A    . MCY A 1 1 ? 0.975   -5.504  9.016   1.00 0.00 ? 1 MCY A C5A    1 
HETATM 18  H H6     . MCY A 1 1 ? 3.515   -5.598  8.191   1.00 0.00 ? 1 MCY A H6     1 
HETATM 19  H HN41   . MCY A 1 1 ? -1.005  -6.167  7.854   1.00 0.00 ? 1 MCY A HN41   1 
HETATM 20  H HN42   . MCY A 1 1 ? -1.270  -6.915  6.292   1.00 0.00 ? 1 MCY A HN42   1 
HETATM 21  H "H1'"  . MCY A 1 1 ? 4.979   -7.061  5.098   1.00 0.00 ? 1 MCY A "H1'"  1 
HETATM 22  H "H2'"  . MCY A 1 1 ? 4.392   -4.364  5.726   1.00 0.00 ? 1 MCY A "H2'"  1 
HETATM 23  H "H2''" . MCY A 1 1 ? 5.768   -4.984  4.777   1.00 0.00 ? 1 MCY A "H2''" 1 
HETATM 24  H "H3'"  . MCY A 1 1 ? 5.670   -3.989  7.510   1.00 0.00 ? 1 MCY A "H3'"  1 
HETATM 25  H "H4'"  . MCY A 1 1 ? 7.461   -6.299  7.445   1.00 0.00 ? 1 MCY A "H4'"  1 
HETATM 26  H "H5'"  . MCY A 1 1 ? 5.140   -5.818  9.320   1.00 0.00 ? 1 MCY A "H5'"  1 
HETATM 27  H "H5''" . MCY A 1 1 ? 6.692   -6.607  9.651   1.00 0.00 ? 1 MCY A "H5''" 1 
HETATM 28  H "HO5'" . MCY A 1 1 ? 6.086   -3.871  9.393   1.00 0.00 ? 1 MCY A "HO5'" 1 
HETATM 29  H H5A1   . MCY A 1 1 ? 1.802   -5.326  9.704   1.00 0.00 ? 1 MCY A H5A1   1 
HETATM 30  H H5A2   . MCY A 1 1 ? 0.294   -6.237  9.450   1.00 0.00 ? 1 MCY A H5A2   1 
HETATM 31  H H5A3   . MCY A 1 1 ? 0.439   -4.571  8.844   1.00 0.00 ? 1 MCY A H5A3   1 
ATOM   32  P P      . DC  A 1 2 ? 8.246   -4.752  5.162   1.00 0.00 ? 2 DC  A P      1 
ATOM   33  O OP1    . DC  A 1 2 ? 8.025   -6.216  5.161   1.00 0.00 ? 2 DC  A OP1    1 
ATOM   34  O OP2    . DC  A 1 2 ? 9.625   -4.217  5.220   1.00 0.00 ? 2 DC  A OP2    1 
ATOM   35  O "O5'"  . DC  A 1 2 ? 7.519   -4.132  3.865   1.00 0.00 ? 2 DC  A "O5'"  1 
ATOM   36  C "C5'"  . DC  A 1 2 ? 7.353   -2.715  3.721   1.00 0.00 ? 2 DC  A "C5'"  1 
ATOM   37  C "C4'"  . DC  A 1 2 ? 7.136   -2.328  2.260   1.00 0.00 ? 2 DC  A "C4'"  1 
ATOM   38  O "O4'"  . DC  A 1 2 ? 5.833   -2.759  1.811   1.00 0.00 ? 2 DC  A "O4'"  1 
ATOM   39  C "C3'"  . DC  A 1 2 ? 7.236   -0.817  2.067   1.00 0.00 ? 2 DC  A "C3'"  1 
ATOM   40  O "O3'"  . DC  A 1 2 ? 8.370   -0.477  1.255   1.00 0.00 ? 2 DC  A "O3'"  1 
ATOM   41  C "C2'"  . DC  A 1 2 ? 5.956   -0.403  1.396   1.00 0.00 ? 2 DC  A "C2'"  1 
ATOM   42  C "C1'"  . DC  A 1 2 ? 5.115   -1.658  1.221   1.00 0.00 ? 2 DC  A "C1'"  1 
ATOM   43  N N1     . DC  A 1 2 ? 3.786   -1.493  1.849   1.00 0.00 ? 2 DC  A N1     1 
ATOM   44  C C2     . DC  A 1 2 ? 2.677   -1.855  1.099   1.00 0.00 ? 2 DC  A C2     1 
ATOM   45  O O2     . DC  A 1 2 ? 2.820   -2.335  -0.024  1.00 0.00 ? 2 DC  A O2     1 
ATOM   46  N N3     . DC  A 1 2 ? 1.443   -1.666  1.641   1.00 0.00 ? 2 DC  A N3     1 
ATOM   47  C C4     . DC  A 1 2 ? 1.300   -1.145  2.867   1.00 0.00 ? 2 DC  A C4     1 
ATOM   48  N N4     . DC  A 1 2 ? 0.070   -0.922  3.341   1.00 0.00 ? 2 DC  A N4     1 
ATOM   49  C C5     . DC  A 1 2 ? 2.440   -0.779  3.645   1.00 0.00 ? 2 DC  A C5     1 
ATOM   50  C C6     . DC  A 1 2 ? 3.657   -0.968  3.103   1.00 0.00 ? 2 DC  A C6     1 
ATOM   51  H "H5'"  . DC  A 1 2 ? 8.245   -2.211  4.095   1.00 0.00 ? 2 DC  A "H5'"  1 
ATOM   52  H "H5''" . DC  A 1 2 ? 6.491   -2.397  4.305   1.00 0.00 ? 2 DC  A "H5''" 1 
ATOM   53  H "H4'"  . DC  A 1 2 ? 7.896   -2.814  1.649   1.00 0.00 ? 2 DC  A "H4'"  1 
ATOM   54  H "H3'"  . DC  A 1 2 ? 7.309   -0.325  3.038   1.00 0.00 ? 2 DC  A "H3'"  1 
ATOM   55  H "H2'"  . DC  A 1 2 ? 5.427   0.318   2.018   1.00 0.00 ? 2 DC  A "H2'"  1 
ATOM   56  H "H2''" . DC  A 1 2 ? 6.172   0.036   0.425   1.00 0.00 ? 2 DC  A "H2''" 1 
ATOM   57  H "H1'"  . DC  A 1 2 ? 4.983   -1.850  0.156   1.00 0.00 ? 2 DC  A "H1'"  1 
ATOM   58  H H41    . DC  A 1 2 ? -0.736  -1.186  2.791   1.00 0.00 ? 2 DC  A H41    1 
ATOM   59  H H42    . DC  A 1 2 ? -0.055  -0.495  4.243   1.00 0.00 ? 2 DC  A H42    1 
ATOM   60  H H5     . DC  A 1 2 ? 2.330   -0.368  4.643   1.00 0.00 ? 2 DC  A H5     1 
ATOM   61  H H6     . DC  A 1 2 ? 4.548   -0.702  3.673   1.00 0.00 ? 2 DC  A H6     1 
ATOM   62  P P      . DT  A 1 3 ? 8.851   1.056   1.097   1.00 0.00 ? 3 DT  A P      1 
ATOM   63  O OP1    . DT  A 1 3 ? 10.274  1.135   1.497   1.00 0.00 ? 3 DT  A OP1    1 
ATOM   64  O OP2    . DT  A 1 3 ? 7.853   1.932   1.754   1.00 0.00 ? 3 DT  A OP2    1 
ATOM   65  O "O5'"  . DT  A 1 3 ? 8.766   1.294   -0.499  1.00 0.00 ? 3 DT  A "O5'"  1 
ATOM   66  C "C5'"  . DT  A 1 3 ? 7.726   2.099   -1.070  1.00 0.00 ? 3 DT  A "C5'"  1 
ATOM   67  C "C4'"  . DT  A 1 3 ? 7.061   1.403   -2.257  1.00 0.00 ? 3 DT  A "C4'"  1 
ATOM   68  O "O4'"  . DT  A 1 3 ? 6.105   0.415   -1.811  1.00 0.00 ? 3 DT  A "O4'"  1 
ATOM   69  C "C3'"  . DT  A 1 3 ? 6.328   2.415   -3.126  1.00 0.00 ? 3 DT  A "C3'"  1 
ATOM   70  O "O3'"  . DT  A 1 3 ? 6.891   2.456   -4.441  1.00 0.00 ? 3 DT  A "O3'"  1 
ATOM   71  C "C2'"  . DT  A 1 3 ? 4.892   1.970   -3.174  1.00 0.00 ? 3 DT  A "C2'"  1 
ATOM   72  C "C1'"  . DT  A 1 3 ? 4.788   0.712   -2.327  1.00 0.00 ? 3 DT  A "C1'"  1 
ATOM   73  N N1     . DT  A 1 3 ? 3.832   0.912   -1.221  1.00 0.00 ? 3 DT  A N1     1 
ATOM   74  C C2     . DT  A 1 3 ? 2.592   0.312   -1.327  1.00 0.00 ? 3 DT  A C2     1 
ATOM   75  O O2     . DT  A 1 3 ? 2.277   -0.383  -2.292  1.00 0.00 ? 3 DT  A O2     1 
ATOM   76  N N3     . DT  A 1 3 ? 1.725   0.529   -0.278  1.00 0.00 ? 3 DT  A N3     1 
ATOM   77  C C4     . DT  A 1 3 ? 1.984   1.284   0.854   1.00 0.00 ? 3 DT  A C4     1 
ATOM   78  O O4     . DT  A 1 3 ? 1.123   1.431   1.719   1.00 0.00 ? 3 DT  A O4     1 
ATOM   79  C C5     . DT  A 1 3 ? 3.307   1.866   0.880   1.00 0.00 ? 3 DT  A C5     1 
ATOM   80  C C7     . DT  A 1 3 ? 3.747   2.684   2.092   1.00 0.00 ? 3 DT  A C7     1 
ATOM   81  C C6     . DT  A 1 3 ? 4.169   1.672   -0.135  1.00 0.00 ? 3 DT  A C6     1 
ATOM   82  H "H5'"  . DT  A 1 3 ? 8.150   3.046   -1.411  1.00 0.00 ? 3 DT  A "H5'"  1 
ATOM   83  H "H5''" . DT  A 1 3 ? 6.977   2.301   -0.309  1.00 0.00 ? 3 DT  A "H5''" 1 
ATOM   84  H "H4'"  . DT  A 1 3 ? 7.828   0.911   -2.854  1.00 0.00 ? 3 DT  A "H4'"  1 
ATOM   85  H "H3'"  . DT  A 1 3 ? 6.385   3.402   -2.663  1.00 0.00 ? 3 DT  A "H3'"  1 
ATOM   86  H "H2'"  . DT  A 1 3 ? 4.248   2.749   -2.763  1.00 0.00 ? 3 DT  A "H2'"  1 
ATOM   87  H "H2''" . DT  A 1 3 ? 4.603   1.755   -4.202  1.00 0.00 ? 3 DT  A "H2''" 1 
ATOM   88  H "H1'"  . DT  A 1 3 ? 4.447   -0.116  -2.951  1.00 0.00 ? 3 DT  A "H1'"  1 
ATOM   89  H H3     . DT  A 1 3 ? 0.823   0.086   -0.335  1.00 0.00 ? 3 DT  A H3     1 
ATOM   90  H H71    . DT  A 1 3 ? 3.768   2.044   2.973   1.00 0.00 ? 3 DT  A H71    1 
ATOM   91  H H72    . DT  A 1 3 ? 3.045   3.502   2.254   1.00 0.00 ? 3 DT  A H72    1 
ATOM   92  H H73    . DT  A 1 3 ? 4.744   3.091   1.916   1.00 0.00 ? 3 DT  A H73    1 
ATOM   93  H H6     . DT  A 1 3 ? 5.154   2.136   -0.096  1.00 0.00 ? 3 DT  A H6     1 
ATOM   94  P P      . DC  A 1 4 ? 8.283   3.218   -4.723  1.00 0.00 ? 4 DC  A P      1 
ATOM   95  O OP1    . DC  A 1 4 ? 9.216   2.258   -5.355  1.00 0.00 ? 4 DC  A OP1    1 
ATOM   96  O OP2    . DC  A 1 4 ? 8.683   3.933   -3.491  1.00 0.00 ? 4 DC  A OP2    1 
ATOM   97  O "O5'"  . DC  A 1 4 ? 7.861   4.311   -5.827  1.00 0.00 ? 4 DC  A "O5'"  1 
ATOM   98  C "C5'"  . DC  A 1 4 ? 6.709   5.135   -5.628  1.00 0.00 ? 4 DC  A "C5'"  1 
ATOM   99  C "C4'"  . DC  A 1 4 ? 5.600   4.799   -6.626  1.00 0.00 ? 4 DC  A "C4'"  1 
ATOM   100 O "O4'"  . DC  A 1 4 ? 4.506   4.115   -5.970  1.00 0.00 ? 4 DC  A "O4'"  1 
ATOM   101 C "C3'"  . DC  A 1 4 ? 5.052   6.064   -7.274  1.00 0.00 ? 4 DC  A "C3'"  1 
ATOM   102 O "O3'"  . DC  A 1 4 ? 5.369   6.103   -8.671  1.00 0.00 ? 4 DC  A "O3'"  1 
ATOM   103 C "C2'"  . DC  A 1 4 ? 3.562   6.030   -7.055  1.00 0.00 ? 4 DC  A "C2'"  1 
ATOM   104 C "C1'"  . DC  A 1 4 ? 3.277   4.859   -6.126  1.00 0.00 ? 4 DC  A "C1'"  1 
ATOM   105 N N1     . DC  A 1 4 ? 2.791   5.344   -4.813  1.00 0.00 ? 4 DC  A N1     1 
ATOM   106 C C2     . DC  A 1 4 ? 1.432   5.229   -4.540  1.00 0.00 ? 4 DC  A C2     1 
ATOM   107 O O2     . DC  A 1 4 ? 0.683   4.650   -5.327  1.00 0.00 ? 4 DC  A O2     1 
ATOM   108 N N3     . DC  A 1 4 ? 0.965   5.747   -3.372  1.00 0.00 ? 4 DC  A N3     1 
ATOM   109 C C4     . DC  A 1 4 ? 1.790   6.345   -2.503  1.00 0.00 ? 4 DC  A C4     1 
ATOM   110 N N4     . DC  A 1 4 ? 1.291   6.868   -1.385  1.00 0.00 ? 4 DC  A N4     1 
ATOM   111 C C5     . DC  A 1 4 ? 3.189   6.454   -2.771  1.00 0.00 ? 4 DC  A C5     1 
ATOM   112 C C6     . DC  A 1 4 ? 3.646   5.943   -3.928  1.00 0.00 ? 4 DC  A C6     1 
ATOM   113 H "H5'"  . DC  A 1 4 ? 6.996   6.179   -5.747  1.00 0.00 ? 4 DC  A "H5'"  1 
ATOM   114 H "H5''" . DC  A 1 4 ? 6.333   4.984   -4.615  1.00 0.00 ? 4 DC  A "H5''" 1 
ATOM   115 H "H4'"  . DC  A 1 4 ? 6.007   4.151   -7.402  1.00 0.00 ? 4 DC  A "H4'"  1 
ATOM   116 H "H3'"  . DC  A 1 4 ? 5.468   6.941   -6.775  1.00 0.00 ? 4 DC  A "H3'"  1 
ATOM   117 H "H2'"  . DC  A 1 4 ? 3.232   6.961   -6.597  1.00 0.00 ? 4 DC  A "H2'"  1 
ATOM   118 H "H2''" . DC  A 1 4 ? 3.051   5.883   -8.007  1.00 0.00 ? 4 DC  A "H2''" 1 
ATOM   119 H "H1'"  . DC  A 1 4 ? 2.517   4.222   -6.579  1.00 0.00 ? 4 DC  A "H1'"  1 
ATOM   120 H H41    . DC  A 1 4 ? 0.302   6.797   -1.193  1.00 0.00 ? 4 DC  A H41    1 
ATOM   121 H H42    . DC  A 1 4 ? 1.900   7.337   -0.731  1.00 0.00 ? 4 DC  A H42    1 
ATOM   122 H H5     . DC  A 1 4 ? 3.862   6.937   -2.064  1.00 0.00 ? 4 DC  A H5     1 
ATOM   123 H H6     . DC  A 1 4 ? 4.712   5.989   -4.150  1.00 0.00 ? 4 DC  A H6     1 
ATOM   124 P P      . DC  A 1 5 ? 6.848   6.521   -9.161  1.00 0.00 ? 5 DC  A P      1 
ATOM   125 O OP1    . DC  A 1 5 ? 7.492   5.327   -9.751  1.00 0.00 ? 5 DC  A OP1    1 
ATOM   126 O OP2    . DC  A 1 5 ? 7.517   7.250   -8.058  1.00 0.00 ? 5 DC  A OP2    1 
ATOM   127 O "O5'"  . DC  A 1 5 ? 6.546   7.568   -10.345 1.00 0.00 ? 5 DC  A "O5'"  1 
ATOM   128 C "C5'"  . DC  A 1 5 ? 5.724   8.716   -10.115 1.00 0.00 ? 5 DC  A "C5'"  1 
ATOM   129 C "C4'"  . DC  A 1 5 ? 4.299   8.488   -10.615 1.00 0.00 ? 5 DC  A "C4'"  1 
ATOM   130 O "O4'"  . DC  A 1 5 ? 3.418   8.148   -9.524  1.00 0.00 ? 5 DC  A "O4'"  1 
ATOM   131 C "C3'"  . DC  A 1 5 ? 3.749   9.737   -11.287 1.00 0.00 ? 5 DC  A "C3'"  1 
ATOM   132 O "O3'"  . DC  A 1 5 ? 3.720   9.591   -12.710 1.00 0.00 ? 5 DC  A "O3'"  1 
ATOM   133 C "C2'"  . DC  A 1 5 ? 2.371   9.933   -10.732 1.00 0.00 ? 5 DC  A "C2'"  1 
ATOM   134 C "C1'"  . DC  A 1 5 ? 2.233   8.973   -9.565  1.00 0.00 ? 5 DC  A "C1'"  1 
ATOM   135 N N1     . DC  A 1 5 ? 2.063   9.722   -8.302  1.00 0.00 ? 5 DC  A N1     1 
ATOM   136 C C2     . DC  A 1 5 ? 0.773   9.876   -7.812  1.00 0.00 ? 5 DC  A C2     1 
ATOM   137 O O2     . DC  A 1 5 ? -0.184  9.381   -8.409  1.00 0.00 ? 5 DC  A O2     1 
ATOM   138 N N3     . DC  A 1 5 ? 0.602   10.581  -6.661  1.00 0.00 ? 5 DC  A N3     1 
ATOM   139 C C4     . DC  A 1 5 ? 1.646   11.112  -6.014  1.00 0.00 ? 5 DC  A C4     1 
ATOM   140 N N4     . DC  A 1 5 ? 1.436   11.796  -4.890  1.00 0.00 ? 5 DC  A N4     1 
ATOM   141 C C5     . DC  A 1 5 ? 2.978   10.956  -6.511  1.00 0.00 ? 5 DC  A C5     1 
ATOM   142 C C6     . DC  A 1 5 ? 3.141   10.259  -7.654  1.00 0.00 ? 5 DC  A C6     1 
ATOM   143 H "H5'"  . DC  A 1 5 ? 6.154   9.571   -10.637 1.00 0.00 ? 5 DC  A "H5'"  1 
ATOM   144 H "H5''" . DC  A 1 5 ? 5.697   8.929   -9.047  1.00 0.00 ? 5 DC  A "H5''" 1 
ATOM   145 H "H4'"  . DC  A 1 5 ? 4.302   7.670   -11.334 1.00 0.00 ? 5 DC  A "H4'"  1 
ATOM   146 H "H3'"  . DC  A 1 5 ? 4.357   10.590  -11.010 1.00 0.00 ? 5 DC  A "H3'"  1 
ATOM   147 H "HO3'" . DC  A 1 5 ? 2.992   9.004   -12.922 1.00 0.00 ? 5 DC  A "HO3'" 1 
ATOM   148 H "H2'"  . DC  A 1 5 ? 2.250   10.960  -10.388 1.00 0.00 ? 5 DC  A "H2'"  1 
ATOM   149 H "H2''" . DC  A 1 5 ? 1.631   9.705   -11.494 1.00 0.00 ? 5 DC  A "H2''" 1 
ATOM   150 H "H1'"  . DC  A 1 5 ? 1.367   8.342   -9.726  1.00 0.00 ? 5 DC  A "H1'"  1 
ATOM   151 H H41    . DC  A 1 5 ? 0.495   11.902  -4.535  1.00 0.00 ? 5 DC  A H41    1 
ATOM   152 H H42    . DC  A 1 5 ? 2.214   12.203  -4.391  1.00 0.00 ? 5 DC  A H42    1 
ATOM   153 H H5     . DC  A 1 5 ? 3.832   11.365  -5.969  1.00 0.00 ? 5 DC  A H5     1 
ATOM   154 H H6     . DC  A 1 5 ? 4.139   10.133  -8.075  1.00 0.00 ? 5 DC  A H6     1 
HETATM 155 N N1     . MCY B 1 1 ? -0.027  9.766   -1.771  1.00 0.00 ? 1 MCY B N1     1 
HETATM 156 C C2     . MCY B 1 1 ? -0.644  9.188   -2.860  1.00 0.00 ? 1 MCY B C2     1 
HETATM 157 N N3     . MCY B 1 1 ? 0.137   8.818   -3.906  1.00 0.00 ? 1 MCY B N3     1 
HETATM 158 C C4     . MCY B 1 1 ? 1.468   9.010   -3.894  1.00 0.00 ? 1 MCY B C4     1 
HETATM 159 C C5     . MCY B 1 1 ? 2.063   9.590   -2.829  1.00 0.00 ? 1 MCY B C5     1 
HETATM 160 C C6     . MCY B 1 1 ? 1.320   9.964   -1.770  1.00 0.00 ? 1 MCY B C6     1 
HETATM 161 O O2     . MCY B 1 1 ? -1.865  9.046   -2.883  1.00 0.00 ? 1 MCY B O2     1 
HETATM 162 N N4     . MCY B 1 1 ? 2.201   8.602   -4.930  1.00 0.00 ? 1 MCY B N4     1 
HETATM 163 C "C1'"  . MCY B 1 1 ? -0.869  10.118  -0.603  1.00 0.00 ? 1 MCY B "C1'"  1 
HETATM 164 C "C2'"  . MCY B 1 1 ? -0.798  9.046   0.465   1.00 0.00 ? 1 MCY B "C2'"  1 
HETATM 165 C "C3'"  . MCY B 1 1 ? -0.452  9.734   1.753   1.00 0.00 ? 1 MCY B "C3'"  1 
HETATM 166 C "C4'"  . MCY B 1 1 ? -0.244  11.204  1.406   1.00 0.00 ? 1 MCY B "C4'"  1 
HETATM 167 O "O4'"  . MCY B 1 1 ? -0.451  11.366  -0.012  1.00 0.00 ? 1 MCY B "O4'"  1 
HETATM 168 O "O3'"  . MCY B 1 1 ? -1.501  9.574   2.717   1.00 0.00 ? 1 MCY B "O3'"  1 
HETATM 169 C "C5'"  . MCY B 1 1 ? 1.157   11.668  1.802   1.00 0.00 ? 1 MCY B "C5'"  1 
HETATM 170 O "O5'"  . MCY B 1 1 ? 1.572   11.107  3.050   1.00 0.00 ? 1 MCY B "O5'"  1 
HETATM 171 C C5A    . MCY B 1 1 ? 3.569   9.848   -2.842  1.00 0.00 ? 1 MCY B C5A    1 
HETATM 172 H H6     . MCY B 1 1 ? 1.800   10.428  -0.909  1.00 0.00 ? 1 MCY B H6     1 
HETATM 173 H HN41   . MCY B 1 1 ? 3.203   8.728   -4.922  1.00 0.00 ? 1 MCY B HN41   1 
HETATM 174 H HN42   . MCY B 1 1 ? 1.754   8.162   -5.721  1.00 0.00 ? 1 MCY B HN42   1 
HETATM 175 H "H1'"  . MCY B 1 1 ? -1.900  10.208  -0.923  1.00 0.00 ? 1 MCY B "H1'"  1 
HETATM 176 H "H2'"  . MCY B 1 1 ? -0.028  8.318   0.212   1.00 0.00 ? 1 MCY B "H2'"  1 
HETATM 177 H "H2''" . MCY B 1 1 ? -1.764  8.550   0.558   1.00 0.00 ? 1 MCY B "H2''" 1 
HETATM 178 H "H3'"  . MCY B 1 1 ? 0.472   9.319   2.132   1.00 0.00 ? 1 MCY B "H3'"  1 
HETATM 179 H "H4'"  . MCY B 1 1 ? -0.980  11.802  1.942   1.00 0.00 ? 1 MCY B "H4'"  1 
HETATM 180 H "H5'"  . MCY B 1 1 ? 1.863   11.368  1.027   1.00 0.00 ? 1 MCY B "H5'"  1 
HETATM 181 H "H5''" . MCY B 1 1 ? 1.162   12.755  1.883   1.00 0.00 ? 1 MCY B "H5''" 1 
HETATM 182 H "HO5'" . MCY B 1 1 ? 0.937   10.426  3.280   1.00 0.00 ? 1 MCY B "HO5'" 1 
HETATM 183 H H5A1   . MCY B 1 1 ? 4.081   9.001   -3.301  1.00 0.00 ? 1 MCY B H5A1   1 
HETATM 184 H H5A2   . MCY B 1 1 ? 3.926   9.976   -1.820  1.00 0.00 ? 1 MCY B H5A2   1 
HETATM 185 H H5A3   . MCY B 1 1 ? 3.778   10.751  -3.416  1.00 0.00 ? 1 MCY B H5A3   1 
ATOM   186 P P      . DC  B 1 2 ? -1.174  9.407   4.289   1.00 0.00 ? 2 DC  B P      1 
ATOM   187 O OP1    . DC  B 1 2 ? -2.448  9.154   5.000   1.00 0.00 ? 2 DC  B OP1    1 
ATOM   188 O OP2    . DC  B 1 2 ? -0.313  10.535  4.708   1.00 0.00 ? 2 DC  B OP2    1 
ATOM   189 O "O5'"  . DC  B 1 2 ? -0.290  8.056   4.325   1.00 0.00 ? 2 DC  B "O5'"  1 
ATOM   190 C "C5'"  . DC  B 1 2 ? -0.795  6.856   4.929   1.00 0.00 ? 2 DC  B "C5'"  1 
ATOM   191 C "C4'"  . DC  B 1 2 ? -2.103  6.405   4.280   1.00 0.00 ? 2 DC  B "C4'"  1 
ATOM   192 O "O4'"  . DC  B 1 2 ? -2.055  6.614   2.851   1.00 0.00 ? 2 DC  B "O4'"  1 
ATOM   193 C "C3'"  . DC  B 1 2 ? -2.372  4.928   4.544   1.00 0.00 ? 2 DC  B "C3'"  1 
ATOM   194 O "O3'"  . DC  B 1 2 ? -3.550  4.756   5.341   1.00 0.00 ? 2 DC  B "O3'"  1 
ATOM   195 C "C2'"  . DC  B 1 2 ? -2.545  4.292   3.188   1.00 0.00 ? 2 DC  B "C2'"  1 
ATOM   196 C "C1'"  . DC  B 1 2 ? -2.307  5.379   2.149   1.00 0.00 ? 2 DC  B "C1'"  1 
ATOM   197 N N1     . DC  B 1 2 ? -1.170  5.024   1.266   1.00 0.00 ? 2 DC  B N1     1 
ATOM   198 C C2     . DC  B 1 2 ? -1.447  4.244   0.151   1.00 0.00 ? 2 DC  B C2     1 
ATOM   199 O O2     . DC  B 1 2 ? -2.604  3.926   -0.111  1.00 0.00 ? 2 DC  B O2     1 
ATOM   200 N N3     . DC  B 1 2 ? -0.413  3.865   -0.643  1.00 0.00 ? 2 DC  B N3     1 
ATOM   201 C C4     . DC  B 1 2 ? 0.842   4.234   -0.366  1.00 0.00 ? 2 DC  B C4     1 
ATOM   202 N N4     . DC  B 1 2 ? 1.828   3.838   -1.170  1.00 0.00 ? 2 DC  B N4     1 
ATOM   203 C C5     . DC  B 1 2 ? 1.136   5.043   0.773   1.00 0.00 ? 2 DC  B C5     1 
ATOM   204 C C6     . DC  B 1 2 ? 0.110   5.416   1.558   1.00 0.00 ? 2 DC  B C6     1 
ATOM   205 H "H5'"  . DC  B 1 2 ? -0.968  7.038   5.991   1.00 0.00 ? 2 DC  B "H5'"  1 
ATOM   206 H "H5''" . DC  B 1 2 ? -0.053  6.065   4.819   1.00 0.00 ? 2 DC  B "H5''" 1 
ATOM   207 H "H4'"  . DC  B 1 2 ? -2.923  6.993   4.693   1.00 0.00 ? 2 DC  B "H4'"  1 
ATOM   208 H "H3'"  . DC  B 1 2 ? -1.515  4.479   5.053   1.00 0.00 ? 2 DC  B "H3'"  1 
ATOM   209 H "H2'"  . DC  B 1 2 ? -1.821  3.485   3.059   1.00 0.00 ? 2 DC  B "H2'"  1 
ATOM   210 H "H2''" . DC  B 1 2 ? -3.557  3.898   3.090   1.00 0.00 ? 2 DC  B "H2''" 1 
ATOM   211 H "H1'"  . DC  B 1 2 ? -3.206  5.494   1.541   1.00 0.00 ? 2 DC  B "H1'"  1 
ATOM   212 H H41    . DC  B 1 2 ? 1.618   3.272   -1.980  1.00 0.00 ? 2 DC  B H41    1 
ATOM   213 H H42    . DC  B 1 2 ? 2.780   4.108   -0.973  1.00 0.00 ? 2 DC  B H42    1 
ATOM   214 H H5     . DC  B 1 2 ? 2.159   5.348   0.999   1.00 0.00 ? 2 DC  B H5     1 
ATOM   215 H H6     . DC  B 1 2 ? 0.299   6.057   2.418   1.00 0.00 ? 2 DC  B H6     1 
ATOM   216 P P      . DT  B 1 3 ? -3.456  4.090   6.807   1.00 0.00 ? 3 DT  B P      1 
ATOM   217 O OP1    . DT  B 1 3 ? -4.766  3.474   7.121   1.00 0.00 ? 3 DT  B OP1    1 
ATOM   218 O OP2    . DT  B 1 3 ? -2.871  5.088   7.730   1.00 0.00 ? 3 DT  B OP2    1 
ATOM   219 O "O5'"  . DT  B 1 3 ? -2.375  2.908   6.594   1.00 0.00 ? 3 DT  B "O5'"  1 
ATOM   220 C "C5'"  . DT  B 1 3 ? -2.795  1.548   6.428   1.00 0.00 ? 3 DT  B "C5'"  1 
ATOM   221 C "C4'"  . DT  B 1 3 ? -2.166  0.623   7.471   1.00 0.00 ? 3 DT  B "C4'"  1 
ATOM   222 O "O4'"  . DT  B 1 3 ? -0.932  0.062   6.979   1.00 0.00 ? 3 DT  B "O4'"  1 
ATOM   223 C "C3'"  . DT  B 1 3 ? -1.861  1.374   8.763   1.00 0.00 ? 3 DT  B "C3'"  1 
ATOM   224 O "O3'"  . DT  B 1 3 ? -2.595  0.830   9.874   1.00 0.00 ? 3 DT  B "O3'"  1 
ATOM   225 C "C2'"  . DT  B 1 3 ? -0.379  1.259   8.979   1.00 0.00 ? 3 DT  B "C2'"  1 
ATOM   226 C "C1'"  . DT  B 1 3 ? 0.149   0.342   7.895   1.00 0.00 ? 3 DT  B "C1'"  1 
ATOM   227 N N1     . DT  B 1 3 ? 1.298   0.940   7.177   1.00 0.00 ? 3 DT  B N1     1 
ATOM   228 C C2     . DT  B 1 3 ? 2.440   0.166   7.028   1.00 0.00 ? 3 DT  B C2     1 
ATOM   229 O O2     . DT  B 1 3 ? 2.527   -0.974  7.484   1.00 0.00 ? 3 DT  B O2     1 
ATOM   230 N N3     . DT  B 1 3 ? 3.480   0.749   6.325   1.00 0.00 ? 3 DT  B N3     1 
ATOM   231 C C4     . DT  B 1 3 ? 3.481   2.016   5.770   1.00 0.00 ? 3 DT  B C4     1 
ATOM   232 O O4     . DT  B 1 3 ? 4.464   2.431   5.160   1.00 0.00 ? 3 DT  B O4     1 
ATOM   233 C C5     . DT  B 1 3 ? 2.252   2.750   5.977   1.00 0.00 ? 3 DT  B C5     1 
ATOM   234 C C7     . DT  B 1 3 ? 2.119   4.165   5.418   1.00 0.00 ? 3 DT  B C7     1 
ATOM   235 C C6     . DT  B 1 3 ? 1.222   2.206   6.656   1.00 0.00 ? 3 DT  B C6     1 
ATOM   236 H "H5'"  . DT  B 1 3 ? -2.507  1.208   5.433   1.00 0.00 ? 3 DT  B "H5'"  1 
ATOM   237 H "H5''" . DT  B 1 3 ? -3.880  1.496   6.520   1.00 0.00 ? 3 DT  B "H5''" 1 
ATOM   238 H "H4'"  . DT  B 1 3 ? -2.859  -0.190  7.686   1.00 0.00 ? 3 DT  B "H4'"  1 
ATOM   239 H "H3'"  . DT  B 1 3 ? -2.108  2.417   8.636   1.00 0.00 ? 3 DT  B "H3'"  1 
ATOM   240 H "H2'"  . DT  B 1 3 ? 0.086   2.242   8.900   1.00 0.00 ? 3 DT  B "H2'"  1 
ATOM   241 H "H2''" . DT  B 1 3 ? -0.180  0.833   9.959   1.00 0.00 ? 3 DT  B "H2''" 1 
ATOM   242 H "H1'"  . DT  B 1 3 ? 0.459   -0.582  8.363   1.00 0.00 ? 3 DT  B "H1'"  1 
ATOM   243 H H3     . DT  B 1 3 ? 4.317   0.194   6.196   1.00 0.00 ? 3 DT  B H3     1 
ATOM   244 H H71    . DT  B 1 3 ? 1.206   4.238   4.827   1.00 0.00 ? 3 DT  B H71    1 
ATOM   245 H H72    . DT  B 1 3 ? 2.978   4.390   4.787   1.00 0.00 ? 3 DT  B H72    1 
ATOM   246 H H73    . DT  B 1 3 ? 2.077   4.878   6.242   1.00 0.00 ? 3 DT  B H73    1 
ATOM   247 H H6     . DT  B 1 3 ? 0.308   2.785   6.792   1.00 0.00 ? 3 DT  B H6     1 
ATOM   248 P P      . DC  B 1 4 ? -2.593  -0.753  10.204  1.00 0.00 ? 4 DC  B P      1 
ATOM   249 O OP1    . DC  B 1 4 ? -3.365  -0.966  11.448  1.00 0.00 ? 4 DC  B OP1    1 
ATOM   250 O OP2    . DC  B 1 4 ? -1.203  -1.252  10.104  1.00 0.00 ? 4 DC  B OP2    1 
ATOM   251 O "O5'"  . DC  B 1 4 ? -3.438  -1.370  8.977   1.00 0.00 ? 4 DC  B "O5'"  1 
ATOM   252 C "C5'"  . DC  B 1 4 ? -3.747  -2.767  8.933   1.00 0.00 ? 4 DC  B "C5'"  1 
ATOM   253 C "C4'"  . DC  B 1 4 ? -4.406  -3.158  7.610   1.00 0.00 ? 4 DC  B "C4'"  1 
ATOM   254 O "O4'"  . DC  B 1 4 ? -3.649  -2.653  6.491   1.00 0.00 ? 4 DC  B "O4'"  1 
ATOM   255 C "C3'"  . DC  B 1 4 ? -4.496  -4.672  7.478   1.00 0.00 ? 4 DC  B "C3'"  1 
ATOM   256 O "O3'"  . DC  B 1 4 ? -5.856  -5.090  7.330   1.00 0.00 ? 4 DC  B "O3'"  1 
ATOM   257 C "C2'"  . DC  B 1 4 ? -3.690  -5.037  6.267   1.00 0.00 ? 4 DC  B "C2'"  1 
ATOM   258 C "C1'"  . DC  B 1 4 ? -3.215  -3.738  5.644   1.00 0.00 ? 4 DC  B "C1'"  1 
ATOM   259 N N1     . DC  B 1 4 ? -1.746  -3.727  5.493   1.00 0.00 ? 4 DC  B N1     1 
ATOM   260 C C2     . DC  B 1 4 ? -1.224  -4.027  4.241   1.00 0.00 ? 4 DC  B C2     1 
ATOM   261 O O2     . DC  B 1 4 ? -1.969  -4.341  3.311   1.00 0.00 ? 4 DC  B O2     1 
ATOM   262 N N3     . DC  B 1 4 ? 0.125   -3.980  4.079   1.00 0.00 ? 4 DC  B N3     1 
ATOM   263 C C4     . DC  B 1 4 ? 0.931   -3.656  5.098   1.00 0.00 ? 4 DC  B C4     1 
ATOM   264 N N4     . DC  B 1 4 ? 2.244   -3.579  4.887   1.00 0.00 ? 4 DC  B N4     1 
ATOM   265 C C5     . DC  B 1 4 ? 0.402   -3.356  6.392   1.00 0.00 ? 4 DC  B C5     1 
ATOM   266 C C6     . DC  B 1 4 ? -0.935  -3.401  6.544   1.00 0.00 ? 4 DC  B C6     1 
ATOM   267 H "H5'"  . DC  B 1 4 ? -4.425  -3.007  9.752   1.00 0.00 ? 4 DC  B "H5'"  1 
ATOM   268 H "H5''" . DC  B 1 4 ? -2.827  -3.340  9.055   1.00 0.00 ? 4 DC  B "H5''" 1 
ATOM   269 H "H4'"  . DC  B 1 4 ? -5.410  -2.739  7.577   1.00 0.00 ? 4 DC  B "H4'"  1 
ATOM   270 H "H3'"  . DC  B 1 4 ? -4.053  -5.142  8.348   1.00 0.00 ? 4 DC  B "H3'"  1 
ATOM   271 H "H2'"  . DC  B 1 4 ? -2.834  -5.647  6.560   1.00 0.00 ? 4 DC  B "H2'"  1 
ATOM   272 H "H2''" . DC  B 1 4 ? -4.311  -5.583  5.566   1.00 0.00 ? 4 DC  B "H2''" 1 
ATOM   273 H "H1'"  . DC  B 1 4 ? -3.675  -3.631  4.666   1.00 0.00 ? 4 DC  B "H1'"  1 
ATOM   274 H H41    . DC  B 1 4 ? 2.622   -3.794  3.973   1.00 0.00 ? 4 DC  B H41    1 
ATOM   275 H H42    . DC  B 1 4 ? 2.859   -3.307  5.638   1.00 0.00 ? 4 DC  B H42    1 
ATOM   276 H H5     . DC  B 1 4 ? 1.057   -3.122  7.231   1.00 0.00 ? 4 DC  B H5     1 
ATOM   277 H H6     . DC  B 1 4 ? -1.375  -3.180  7.517   1.00 0.00 ? 4 DC  B H6     1 
ATOM   278 P P      . DC  B 1 5 ? -6.488  -6.196  8.315   1.00 0.00 ? 5 DC  B P      1 
ATOM   279 O OP1    . DC  B 1 5 ? -7.909  -6.389  7.945   1.00 0.00 ? 5 DC  B OP1    1 
ATOM   280 O OP2    . DC  B 1 5 ? -6.132  -5.835  9.705   1.00 0.00 ? 5 DC  B OP2    1 
ATOM   281 O "O5'"  . DC  B 1 5 ? -5.677  -7.528  7.912   1.00 0.00 ? 5 DC  B "O5'"  1 
ATOM   282 C "C5'"  . DC  B 1 5 ? -5.565  -8.618  8.831   1.00 0.00 ? 5 DC  B "C5'"  1 
ATOM   283 C "C4'"  . DC  B 1 5 ? -5.555  -9.961  8.108   1.00 0.00 ? 5 DC  B "C4'"  1 
ATOM   284 O "O4'"  . DC  B 1 5 ? -4.395  -10.077 7.260   1.00 0.00 ? 5 DC  B "O4'"  1 
ATOM   285 C "C3'"  . DC  B 1 5 ? -5.527  -11.110 9.104   1.00 0.00 ? 5 DC  B "C3'"  1 
ATOM   286 O "O3'"  . DC  B 1 5 ? -6.774  -11.811 9.122   1.00 0.00 ? 5 DC  B "O3'"  1 
ATOM   287 C "C2'"  . DC  B 1 5 ? -4.406  -12.009 8.677   1.00 0.00 ? 5 DC  B "C2'"  1 
ATOM   288 C "C1'"  . DC  B 1 5 ? -3.666  -11.282 7.573   1.00 0.00 ? 5 DC  B "C1'"  1 
ATOM   289 N N1     . DC  B 1 5 ? -2.284  -10.970 7.989   1.00 0.00 ? 5 DC  B N1     1 
ATOM   290 C C2     . DC  B 1 5 ? -1.260  -11.739 7.454   1.00 0.00 ? 5 DC  B C2     1 
ATOM   291 O O2     . DC  B 1 5 ? -1.509  -12.634 6.650   1.00 0.00 ? 5 DC  B O2     1 
ATOM   292 N N3     . DC  B 1 5 ? 0.016   -11.467 7.839   1.00 0.00 ? 5 DC  B N3     1 
ATOM   293 C C4     . DC  B 1 5 ? 0.282   -10.485 8.710   1.00 0.00 ? 5 DC  B C4     1 
ATOM   294 N N4     . DC  B 1 5 ? 1.544   -10.251 9.064   1.00 0.00 ? 5 DC  B N4     1 
ATOM   295 C C5     . DC  B 1 5 ? -0.770  -9.689  9.264   1.00 0.00 ? 5 DC  B C5     1 
ATOM   296 C C6     . DC  B 1 5 ? -2.031  -9.964  8.877   1.00 0.00 ? 5 DC  B C6     1 
ATOM   297 H "H5'"  . DC  B 1 5 ? -6.409  -8.593  9.520   1.00 0.00 ? 5 DC  B "H5'"  1 
ATOM   298 H "H5''" . DC  B 1 5 ? -4.641  -8.510  9.397   1.00 0.00 ? 5 DC  B "H5''" 1 
ATOM   299 H "H4'"  . DC  B 1 5 ? -6.451  -10.042 7.493   1.00 0.00 ? 5 DC  B "H4'"  1 
ATOM   300 H "H3'"  . DC  B 1 5 ? -5.301  -10.723 10.087  1.00 0.00 ? 5 DC  B "H3'"  1 
ATOM   301 H "HO3'" . DC  B 1 5 ? -6.833  -12.265 9.967   1.00 0.00 ? 5 DC  B "HO3'" 1 
ATOM   302 H "H2'"  . DC  B 1 5 ? -3.737  -12.195 9.518   1.00 0.00 ? 5 DC  B "H2'"  1 
ATOM   303 H "H2''" . DC  B 1 5 ? -4.805  -12.951 8.302   1.00 0.00 ? 5 DC  B "H2''" 1 
ATOM   304 H "H1'"  . DC  B 1 5 ? -3.643  -11.916 6.699   1.00 0.00 ? 5 DC  B "H1'"  1 
ATOM   305 H H41    . DC  B 1 5 ? 2.289   -10.812 8.674   1.00 0.00 ? 5 DC  B H41    1 
ATOM   306 H H42    . DC  B 1 5 ? 1.758   -9.513  9.721   1.00 0.00 ? 5 DC  B H42    1 
ATOM   307 H H5     . DC  B 1 5 ? -0.559  -8.889  9.973   1.00 0.00 ? 5 DC  B H5     1 
ATOM   308 H H6     . DC  B 1 5 ? -2.858  -9.379  9.278   1.00 0.00 ? 5 DC  B H6     1 
HETATM 309 N N1     . MCY C 1 1 ? -2.287  -8.911  2.899   1.00 0.00 ? 1 MCY C N1     1 
HETATM 310 C C2     . MCY C 1 1 ? -1.447  -8.237  3.761   1.00 0.00 ? 1 MCY C C2     1 
HETATM 311 N N3     . MCY C 1 1 ? -0.109  -8.356  3.557   1.00 0.00 ? 1 MCY C N3     1 
HETATM 312 C C4     . MCY C 1 1 ? 0.387   -9.103  2.553   1.00 0.00 ? 1 MCY C C4     1 
HETATM 313 C C5     . MCY C 1 1 ? -0.447  -9.759  1.716   1.00 0.00 ? 1 MCY C C5     1 
HETATM 314 C C6     . MCY C 1 1 ? -1.776  -9.662  1.888   1.00 0.00 ? 1 MCY C C6     1 
HETATM 315 O O2     . MCY C 1 1 ? -1.904  -7.561  4.681   1.00 0.00 ? 1 MCY C O2     1 
HETATM 316 N N4     . MCY C 1 1 ? 1.710   -9.191  2.391   1.00 0.00 ? 1 MCY C N4     1 
HETATM 317 C "C1'"  . MCY C 1 1 ? -3.749  -8.787  3.106   1.00 0.00 ? 1 MCY C "C1'"  1 
HETATM 318 C "C2'"  . MCY C 1 1 ? -4.378  -7.932  2.023   1.00 0.00 ? 1 MCY C "C2'"  1 
HETATM 319 C "C3'"  . MCY C 1 1 ? -5.307  -8.827  1.250   1.00 0.00 ? 1 MCY C "C3'"  1 
HETATM 320 C "C4'"  . MCY C 1 1 ? -5.363  -10.141 2.018   1.00 0.00 ? 1 MCY C "C4'"  1 
HETATM 321 O "O4'"  . MCY C 1 1 ? -4.383  -10.084 3.076   1.00 0.00 ? 1 MCY C "O4'"  1 
HETATM 322 O "O3'"  . MCY C 1 1 ? -6.620  -8.253  1.099   1.00 0.00 ? 1 MCY C "O3'"  1 
HETATM 323 C "C5'"  . MCY C 1 1 ? -5.088  -11.324 1.092   1.00 0.00 ? 1 MCY C "C5'"  1 
HETATM 324 O "O5'"  . MCY C 1 1 ? -6.112  -11.471 0.104   1.00 0.00 ? 1 MCY C "O5'"  1 
HETATM 325 C C5A    . MCY C 1 1 ? 0.116   -10.606 0.575   1.00 0.00 ? 1 MCY C C5A    1 
HETATM 326 H H6     . MCY C 1 1 ? -2.448  -10.190 1.213   1.00 0.00 ? 1 MCY C H6     1 
HETATM 327 H HN41   . MCY C 1 1 ? 2.091   -9.749  1.639   1.00 0.00 ? 1 MCY C HN41   1 
HETATM 328 H HN42   . MCY C 1 1 ? 2.329   -8.696  3.017   1.00 0.00 ? 1 MCY C HN42   1 
HETATM 329 H "H1'"  . MCY C 1 1 ? -3.934  -8.327  4.068   1.00 0.00 ? 1 MCY C "H1'"  1 
HETATM 330 H "H2'"  . MCY C 1 1 ? -3.607  -7.536  1.363   1.00 0.00 ? 1 MCY C "H2'"  1 
HETATM 331 H "H2''" . MCY C 1 1 ? -4.936  -7.114  2.476   1.00 0.00 ? 1 MCY C "H2''" 1 
HETATM 332 H "H3'"  . MCY C 1 1 ? -4.873  -9.007  0.274   1.00 0.00 ? 1 MCY C "H3'"  1 
HETATM 333 H "H4'"  . MCY C 1 1 ? -6.353  -10.256 2.457   1.00 0.00 ? 1 MCY C "H4'"  1 
HETATM 334 H "H5'"  . MCY C 1 1 ? -4.132  -11.171 0.593   1.00 0.00 ? 1 MCY C "H5'"  1 
HETATM 335 H "H5''" . MCY C 1 1 ? -5.036  -12.236 1.687   1.00 0.00 ? 1 MCY C "H5''" 1 
HETATM 336 H "HO5'" . MCY C 1 1 ? -6.955  -11.359 0.548   1.00 0.00 ? 1 MCY C "HO5'" 1 
HETATM 337 H H5A1   . MCY C 1 1 ? 0.892   -11.266 0.961   1.00 0.00 ? 1 MCY C H5A1   1 
HETATM 338 H H5A2   . MCY C 1 1 ? 0.541   -9.953  -0.187  1.00 0.00 ? 1 MCY C H5A2   1 
HETATM 339 H H5A3   . MCY C 1 1 ? -0.683  -11.204 0.135   1.00 0.00 ? 1 MCY C H5A3   1 
ATOM   340 P P      . DC  C 1 2 ? -7.374  -7.499  2.313   1.00 0.00 ? 2 DC  C P      1 
ATOM   341 O OP1    . DC  C 1 2 ? -6.985  -8.150  3.584   1.00 0.00 ? 2 DC  C OP1    1 
ATOM   342 O OP2    . DC  C 1 2 ? -8.804  -7.369  1.959   1.00 0.00 ? 2 DC  C OP2    1 
ATOM   343 O "O5'"  . DC  C 1 2 ? -6.711  -6.031  2.276   1.00 0.00 ? 2 DC  C "O5'"  1 
ATOM   344 C "C5'"  . DC  C 1 2 ? -6.711  -5.251  1.074   1.00 0.00 ? 2 DC  C "C5'"  1 
ATOM   345 C "C4'"  . DC  C 1 2 ? -6.677  -3.758  1.384   1.00 0.00 ? 2 DC  C "C4'"  1 
ATOM   346 O "O4'"  . DC  C 1 2 ? -5.408  -3.395  1.971   1.00 0.00 ? 2 DC  C "O4'"  1 
ATOM   347 C "C3'"  . DC  C 1 2 ? -6.877  -2.925  0.121   1.00 0.00 ? 2 DC  C "C3'"  1 
ATOM   348 O "O3'"  . DC  C 1 2 ? -8.124  -2.215  0.159   1.00 0.00 ? 2 DC  C "O3'"  1 
ATOM   349 C "C2'"  . DC  C 1 2 ? -5.720  -1.967  0.074   1.00 0.00 ? 2 DC  C "C2'"  1 
ATOM   350 C "C1'"  . DC  C 1 2 ? -4.818  -2.293  1.253   1.00 0.00 ? 2 DC  C "C1'"  1 
ATOM   351 N N1     . DC  C 1 2 ? -3.456  -2.627  0.786   1.00 0.00 ? 2 DC  C N1     1 
ATOM   352 C C2     . DC  C 1 2 ? -2.392  -1.968  1.397   1.00 0.00 ? 2 DC  C C2     1 
ATOM   353 O O2     . DC  C 1 2 ? -2.546  -1.199  2.344   1.00 0.00 ? 2 DC  C O2     1 
ATOM   354 N N3     . DC  C 1 2 ? -1.142  -2.242  0.886   1.00 0.00 ? 2 DC  C N3     1 
ATOM   355 C C4     . DC  C 1 2 ? -0.933  -3.102  -0.147  1.00 0.00 ? 2 DC  C C4     1 
ATOM   356 N N4     . DC  C 1 2 ? 0.316   -3.242  -0.587  1.00 0.00 ? 2 DC  C N4     1 
ATOM   357 C C5     . DC  C 1 2 ? -2.030  -3.774  -0.750  1.00 0.00 ? 2 DC  C C5     1 
ATOM   358 C C6     . DC  C 1 2 ? -3.266  -3.511  -0.259  1.00 0.00 ? 2 DC  C C6     1 
ATOM   359 H "H5'"  . DC  C 1 2 ? -7.609  -5.478  0.500   1.00 0.00 ? 2 DC  C "H5'"  1 
ATOM   360 H "H5''" . DC  C 1 2 ? -5.833  -5.511  0.481   1.00 0.00 ? 2 DC  C "H5''" 1 
ATOM   361 H "H4'"  . DC  C 1 2 ? -7.472  -3.525  2.093   1.00 0.00 ? 2 DC  C "H4'"  1 
ATOM   362 H "H3'"  . DC  C 1 2 ? -6.840  -3.573  -0.758  1.00 0.00 ? 2 DC  C "H3'"  1 
ATOM   363 H "H2'"  . DC  C 1 2 ? -5.174  -2.091  -0.860  1.00 0.00 ? 2 DC  C "H2'"  1 
ATOM   364 H "H2''" . DC  C 1 2 ? -6.083  -0.946  0.157   1.00 0.00 ? 2 DC  C "H2''" 1 
ATOM   365 H "H1'"  . DC  C 1 2 ? -4.766  -1.426  1.913   1.00 0.00 ? 2 DC  C "H1'"  1 
ATOM   366 H H41    . DC  C 1 2 ? 1.067   -2.750  -0.126  1.00 0.00 ? 2 DC  C H41    1 
ATOM   367 H H42    . DC  C 1 2 ? 0.515   -3.837  -1.375  1.00 0.00 ? 2 DC  C H42    1 
ATOM   368 H H5     . DC  C 1 2 ? -1.884  -4.471  -1.568  1.00 0.00 ? 2 DC  C H5     1 
ATOM   369 H H6     . DC  C 1 2 ? -4.130  -4.012  -0.698  1.00 0.00 ? 2 DC  C H6     1 
ATOM   370 P P      . DT  C 1 3 ? -8.824  -1.695  -1.200  1.00 0.00 ? 3 DT  C P      1 
ATOM   371 O OP1    . DT  C 1 3 ? -10.206 -2.226  -1.237  1.00 0.00 ? 3 DT  C OP1    1 
ATOM   372 O OP2    . DT  C 1 3 ? -7.907  -1.958  -2.333  1.00 0.00 ? 3 DT  C OP2    1 
ATOM   373 O "O5'"  . DT  C 1 3 ? -8.907  -0.097  -0.976  1.00 0.00 ? 3 DT  C "O5'"  1 
ATOM   374 C "C5'"  . DT  C 1 3 ? -7.846  0.766   -1.407  1.00 0.00 ? 3 DT  C "C5'"  1 
ATOM   375 C "C4'"  . DT  C 1 3 ? -7.331  1.633   -0.263  1.00 0.00 ? 3 DT  C "C4'"  1 
ATOM   376 O "O4'"  . DT  C 1 3 ? -6.333  0.931   0.511   1.00 0.00 ? 3 DT  C "O4'"  1 
ATOM   377 C "C3'"  . DT  C 1 3 ? -6.704  2.911   -0.799  1.00 0.00 ? 3 DT  C "C3'"  1 
ATOM   378 O "O3'"  . DT  C 1 3 ? -7.536  4.042   -0.536  1.00 0.00 ? 3 DT  C "O3'"  1 
ATOM   379 C "C2'"  . DT  C 1 3 ? -5.374  3.037   -0.107  1.00 0.00 ? 3 DT  C "C2'"  1 
ATOM   380 C "C1'"  . DT  C 1 3 ? -5.123  1.719   0.605   1.00 0.00 ? 3 DT  C "C1'"  1 
ATOM   381 N N1     . DT  C 1 3 ? -3.985  1.012   -0.017  1.00 0.00 ? 3 DT  C N1     1 
ATOM   382 C C2     . DT  C 1 3 ? -2.740  1.167   0.563   1.00 0.00 ? 3 DT  C C2     1 
ATOM   383 O O2     . DT  C 1 3 ? -2.571  1.817   1.592   1.00 0.00 ? 3 DT  C O2     1 
ATOM   384 N N3     . DT  C 1 3 ? -1.694  0.532   -0.073  1.00 0.00 ? 3 DT  C N3     1 
ATOM   385 C C4     . DT  C 1 3 ? -1.779  -0.237  -1.221  1.00 0.00 ? 3 DT  C C4     1 
ATOM   386 O O4     . DT  C 1 3 ? -0.773  -0.740  -1.714  1.00 0.00 ? 3 DT  C O4     1 
ATOM   387 C C5     . DT  C 1 3 ? -3.120  -0.350  -1.751  1.00 0.00 ? 3 DT  C C5     1 
ATOM   388 C C7     . DT  C 1 3 ? -3.372  -1.194  -2.998  1.00 0.00 ? 3 DT  C C7     1 
ATOM   389 C C6     . DT  C 1 3 ? -4.156  0.262   -1.149  1.00 0.00 ? 3 DT  C C6     1 
ATOM   390 H "H5'"  . DT  C 1 3 ? -8.210  1.418   -2.204  1.00 0.00 ? 3 DT  C "H5'"  1 
ATOM   391 H "H5''" . DT  C 1 3 ? -7.028  0.160   -1.790  1.00 0.00 ? 3 DT  C "H5''" 1 
ATOM   392 H "H4'"  . DT  C 1 3 ? -8.166  1.893   0.389   1.00 0.00 ? 3 DT  C "H4'"  1 
ATOM   393 H "H3'"  . DT  C 1 3 ? -6.540  2.811   -1.875  1.00 0.00 ? 3 DT  C "H3'"  1 
ATOM   394 H "H2'"  . DT  C 1 3 ? -4.589  3.222   -0.840  1.00 0.00 ? 3 DT  C "H2'"  1 
ATOM   395 H "H2''" . DT  C 1 3 ? -5.408  3.852   0.617   1.00 0.00 ? 3 DT  C "H2''" 1 
ATOM   396 H "H1'"  . DT  C 1 3 ? -4.898  1.911   1.655   1.00 0.00 ? 3 DT  C "H1'"  1 
ATOM   397 H H3     . DT  C 1 3 ? -0.783  0.634   0.345   1.00 0.00 ? 3 DT  C H3     1 
ATOM   398 H H71    . DT  C 1 3 ? -2.493  -1.161  -3.642  1.00 0.00 ? 3 DT  C H71    1 
ATOM   399 H H72    . DT  C 1 3 ? -4.232  -0.798  -3.538  1.00 0.00 ? 3 DT  C H72    1 
ATOM   400 H H73    . DT  C 1 3 ? -3.569  -2.225  -2.706  1.00 0.00 ? 3 DT  C H73    1 
ATOM   401 H H6     . DT  C 1 3 ? -5.153  0.153   -1.572  1.00 0.00 ? 3 DT  C H6     1 
ATOM   402 P P      . DC  C 1 4 ? -8.279  4.810   -1.743  1.00 0.00 ? 4 DC  C P      1 
ATOM   403 O OP1    . DC  C 1 4 ? -9.732  4.817   -1.463  1.00 0.00 ? 4 DC  C OP1    1 
ATOM   404 O OP2    . DC  C 1 4 ? -7.777  4.265   -3.026  1.00 0.00 ? 4 DC  C OP2    1 
ATOM   405 O "O5'"  . DC  C 1 4 ? -7.728  6.314   -1.590  1.00 0.00 ? 4 DC  C "O5'"  1 
ATOM   406 C "C5'"  . DC  C 1 4 ? -7.643  6.925   -0.301  1.00 0.00 ? 4 DC  C "C5'"  1 
ATOM   407 C "C4'"  . DC  C 1 4 ? -6.316  7.651   -0.107  1.00 0.00 ? 4 DC  C "C4'"  1 
ATOM   408 O "O4'"  . DC  C 1 4 ? -5.198  6.752   -0.272  1.00 0.00 ? 4 DC  C "O4'"  1 
ATOM   409 C "C3'"  . DC  C 1 4 ? -6.160  8.782   -1.113  1.00 0.00 ? 4 DC  C "C3'"  1 
ATOM   410 O "O3'"  . DC  C 1 4 ? -6.388  10.055  -0.498  1.00 0.00 ? 4 DC  C "O3'"  1 
ATOM   411 C "C2'"  . DC  C 1 4 ? -4.749  8.674   -1.631  1.00 0.00 ? 4 DC  C "C2'"  1 
ATOM   412 C "C1'"  . DC  C 1 4 ? -4.169  7.390   -1.058  1.00 0.00 ? 4 DC  C "C1'"  1 
ATOM   413 N N1     . DC  C 1 4 ? -3.682  6.503   -2.140  1.00 0.00 ? 4 DC  C N1     1 
ATOM   414 C C2     . DC  C 1 4 ? -2.301  6.349   -2.250  1.00 0.00 ? 4 DC  C C2     1 
ATOM   415 O O2     . DC  C 1 4 ? -1.520  6.840   -1.440  1.00 0.00 ? 4 DC  C O2     1 
ATOM   416 N N3     . DC  C 1 4 ? -1.858  5.590   -3.308  1.00 0.00 ? 4 DC  C N3     1 
ATOM   417 C C4     . DC  C 1 4 ? -2.698  5.003   -4.206  1.00 0.00 ? 4 DC  C C4     1 
ATOM   418 N N4     . DC  C 1 4 ? -2.148  4.318   -5.209  1.00 0.00 ? 4 DC  C N4     1 
ATOM   419 C C5     . DC  C 1 4 ? -4.109  5.156   -4.074  1.00 0.00 ? 4 DC  C C5     1 
ATOM   420 C C6     . DC  C 1 4 ? -4.560  5.907   -3.035  1.00 0.00 ? 4 DC  C C6     1 
ATOM   421 H "H5'"  . DC  C 1 4 ? -7.738  6.156   0.466   1.00 0.00 ? 4 DC  C "H5'"  1 
ATOM   422 H "H5''" . DC  C 1 4 ? -8.459  7.639   -0.190  1.00 0.00 ? 4 DC  C "H5''" 1 
ATOM   423 H "H4'"  . DC  C 1 4 ? -6.286  8.068   0.899   1.00 0.00 ? 4 DC  C "H4'"  1 
ATOM   424 H "H3'"  . DC  C 1 4 ? -6.859  8.633   -1.940  1.00 0.00 ? 4 DC  C "H3'"  1 
ATOM   425 H "H2'"  . DC  C 1 4 ? -4.751  8.633   -2.719  1.00 0.00 ? 4 DC  C "H2'"  1 
ATOM   426 H "H2''" . DC  C 1 4 ? -4.164  9.530   -1.291  1.00 0.00 ? 4 DC  C "H2''" 1 
ATOM   427 H "H1'"  . DC  C 1 4 ? -3.331  7.645   -0.406  1.00 0.00 ? 4 DC  C "H1'"  1 
ATOM   428 H H41    . DC  C 1 4 ? -1.139  4.242   -5.273  1.00 0.00 ? 4 DC  C H41    1 
ATOM   429 H H42    . DC  C 1 4 ? -2.732  3.883   -5.907  1.00 0.00 ? 4 DC  C H42    1 
ATOM   430 H H5     . DC  C 1 4 ? -4.798  4.689   -4.777  1.00 0.00 ? 4 DC  C H5     1 
ATOM   431 H H6     . DC  C 1 4 ? -5.637  6.031   -2.896  1.00 0.00 ? 4 DC  C H6     1 
ATOM   432 P P      . DC  C 1 5 ? -7.729  10.889  -0.814  1.00 0.00 ? 5 DC  C P      1 
ATOM   433 O OP1    . DC  C 1 5 ? -7.634  12.197  -0.127  1.00 0.00 ? 5 DC  C OP1    1 
ATOM   434 O OP2    . DC  C 1 5 ? -8.892  10.007  -0.565  1.00 0.00 ? 5 DC  C OP2    1 
ATOM   435 O "O5'"  . DC  C 1 5 ? -7.619  11.138  -2.404  1.00 0.00 ? 5 DC  C "O5'"  1 
ATOM   436 C "C5'"  . DC  C 1 5 ? -7.280  12.428  -2.924  1.00 0.00 ? 5 DC  C "C5'"  1 
ATOM   437 C "C4'"  . DC  C 1 5 ? -5.878  12.858  -2.493  1.00 0.00 ? 5 DC  C "C4'"  1 
ATOM   438 O "O4'"  . DC  C 1 5 ? -4.925  11.798  -2.706  1.00 0.00 ? 5 DC  C "O4'"  1 
ATOM   439 C "C3'"  . DC  C 1 5 ? -5.415  14.071  -3.284  1.00 0.00 ? 5 DC  C "C3'"  1 
ATOM   440 O "O3'"  . DC  C 1 5 ? -5.436  15.254  -2.481  1.00 0.00 ? 5 DC  C "O3'"  1 
ATOM   441 C "C2'"  . DC  C 1 5 ? -4.028  13.756  -3.753  1.00 0.00 ? 5 DC  C "C2'"  1 
ATOM   442 C "C1'"  . DC  C 1 5 ? -3.792  12.289  -3.454  1.00 0.00 ? 5 DC  C "C1'"  1 
ATOM   443 N N1     . DC  C 1 5 ? -3.618  11.530  -4.710  1.00 0.00 ? 5 DC  C N1     1 
ATOM   444 C C2     . DC  C 1 5 ? -2.313  11.257  -5.114  1.00 0.00 ? 5 DC  C C2     1 
ATOM   445 O O2     . DC  C 1 5 ? -1.332  11.614  -4.464  1.00 0.00 ? 5 DC  C O2     1 
ATOM   446 N N3     . DC  C 1 5 ? -2.184  10.562  -6.297  1.00 0.00 ? 5 DC  C N3     1 
ATOM   447 C C4     . DC  C 1 5 ? -3.252  10.154  -7.041  1.00 0.00 ? 5 DC  C C4     1 
ATOM   448 N N4     . DC  C 1 5 ? -3.003  9.491   -8.171  1.00 0.00 ? 5 DC  C N4     1 
ATOM   449 C C5     . DC  C 1 5 ? -4.578  10.442  -6.609  1.00 0.00 ? 5 DC  C C5     1 
ATOM   450 C C6     . DC  C 1 5 ? -4.716  11.131  -5.446  1.00 0.00 ? 5 DC  C C6     1 
ATOM   451 H "H5'"  . DC  C 1 5 ? -8.003  13.159  -2.561  1.00 0.00 ? 5 DC  C "H5'"  1 
ATOM   452 H "H5''" . DC  C 1 5 ? -7.322  12.395  -4.012  1.00 0.00 ? 5 DC  C "H5''" 1 
ATOM   453 H "H4'"  . DC  C 1 5 ? -5.894  13.111  -1.433  1.00 0.00 ? 5 DC  C "H4'"  1 
ATOM   454 H "H3'"  . DC  C 1 5 ? -6.053  14.195  -4.152  1.00 0.00 ? 5 DC  C "H3'"  1 
ATOM   455 H "HO3'" . DC  C 1 5 ? -4.706  15.808  -2.767  1.00 0.00 ? 5 DC  C "HO3'" 1 
ATOM   456 H "H2'"  . DC  C 1 5 ? -3.946  13.938  -4.825  1.00 0.00 ? 5 DC  C "H2'"  1 
ATOM   457 H "H2''" . DC  C 1 5 ? -3.308  14.369  -3.216  1.00 0.00 ? 5 DC  C "H2''" 1 
ATOM   458 H "H1'"  . DC  C 1 5 ? -2.897  12.190  -2.850  1.00 0.00 ? 5 DC  C "H1'"  1 
ATOM   459 H H41    . DC  C 1 5 ? -2.047  9.305   -8.445  1.00 0.00 ? 5 DC  C H41    1 
ATOM   460 H H42    . DC  C 1 5 ? -3.767  9.173   -8.751  1.00 0.00 ? 5 DC  C H42    1 
ATOM   461 H H5     . DC  C 1 5 ? -5.446  10.104  -7.178  1.00 0.00 ? 5 DC  C H5     1 
ATOM   462 H H6     . DC  C 1 5 ? -5.716  11.385  -5.090  1.00 0.00 ? 5 DC  C H6     1 
HETATM 463 N N1     . MCY D 1 1 ? -1.110  6.115   -7.632  1.00 0.00 ? 1 MCY D N1     1 
HETATM 464 C C2     . MCY D 1 1 ? -0.515  6.890   -6.658  1.00 0.00 ? 1 MCY D C2     1 
HETATM 465 N N3     . MCY D 1 1 ? -1.325  7.567   -5.806  1.00 0.00 ? 1 MCY D N3     1 
HETATM 466 C C4     . MCY D 1 1 ? -2.666  7.497   -5.904  1.00 0.00 ? 1 MCY D C4     1 
HETATM 467 C C5     . MCY D 1 1 ? -3.240  6.747   -6.870  1.00 0.00 ? 1 MCY D C5     1 
HETATM 468 C C6     . MCY D 1 1 ? -2.467  6.059   -7.729  1.00 0.00 ? 1 MCY D C6     1 
HETATM 469 O O2     . MCY D 1 1 ? 0.709   6.980   -6.596  1.00 0.00 ? 1 MCY D O2     1 
HETATM 470 N N4     . MCY D 1 1 ? -3.423  8.156   -5.025  1.00 0.00 ? 1 MCY D N4     1 
HETATM 471 C "C1'"  . MCY D 1 1 ? -0.228  5.320   -8.521  1.00 0.00 ? 1 MCY D "C1'"  1 
HETATM 472 C "C2'"  . MCY D 1 1 ? -0.151  3.874   -8.069  1.00 0.00 ? 1 MCY D "C2'"  1 
HETATM 473 C "C3'"  . MCY D 1 1 ? -0.497  3.026   -9.259  1.00 0.00 ? 1 MCY D "C3'"  1 
HETATM 474 C "C4'"  . MCY D 1 1 ? -0.809  3.992   -10.395 1.00 0.00 ? 1 MCY D "C4'"  1 
HETATM 475 O "O4'"  . MCY D 1 1 ? -0.704  5.337   -9.883  1.00 0.00 ? 1 MCY D "O4'"  1 
HETATM 476 O "O3'"  . MCY D 1 1 ? 0.590   2.155   -9.604  1.00 0.00 ? 1 MCY D "O3'"  1 
HETATM 477 C "C5'"  . MCY D 1 1 ? -2.204  3.737   -10.956 1.00 0.00 ? 1 MCY D "C5'"  1 
HETATM 478 O "O5'"  . MCY D 1 1 ? -3.196  3.737   -9.925  1.00 0.00 ? 1 MCY D "O5'"  1 
HETATM 479 C C5A    . MCY D 1 1 ? -4.763  6.704   -7.003  1.00 0.00 ? 1 MCY D C5A    1 
HETATM 480 H H6     . MCY D 1 1 ? -2.931  5.458   -8.511  1.00 0.00 ? 1 MCY D H6     1 
HETATM 481 H HN41   . MCY D 1 1 ? -4.431  8.096   -5.080  1.00 0.00 ? 1 MCY D HN41   1 
HETATM 482 H HN42   . MCY D 1 1 ? -2.990  8.708   -4.300  1.00 0.00 ? 1 MCY D HN42   1 
HETATM 483 H "H1'"  . MCY D 1 1 ? 0.772   5.734   -8.494  1.00 0.00 ? 1 MCY D "H1'"  1 
HETATM 484 H "H2'"  . MCY D 1 1 ? -0.865  3.696   -7.264  1.00 0.00 ? 1 MCY D "H2'"  1 
HETATM 485 H "H2''" . MCY D 1 1 ? 0.858   3.643   -7.729  1.00 0.00 ? 1 MCY D "H2''" 1 
HETATM 486 H "H3'"  . MCY D 1 1 ? -1.379  2.443   -9.028  1.00 0.00 ? 1 MCY D "H3'"  1 
HETATM 487 H "H4'"  . MCY D 1 1 ? -0.075  3.856   -11.189 1.00 0.00 ? 1 MCY D "H4'"  1 
HETATM 488 H "H5'"  . MCY D 1 1 ? -2.444  4.517   -11.679 1.00 0.00 ? 1 MCY D "H5'"  1 
HETATM 489 H "H5''" . MCY D 1 1 ? -2.214  2.770   -11.460 1.00 0.00 ? 1 MCY D "H5''" 1 
HETATM 490 H "HO5'" . MCY D 1 1 ? -3.819  4.437   -10.128 1.00 0.00 ? 1 MCY D "HO5'" 1 
HETATM 491 H H5A1   . MCY D 1 1 ? -5.102  7.566   -7.578  1.00 0.00 ? 1 MCY D H5A1   1 
HETATM 492 H H5A2   . MCY D 1 1 ? -5.218  6.727   -6.013  1.00 0.00 ? 1 MCY D H5A2   1 
HETATM 493 H H5A3   . MCY D 1 1 ? -5.058  5.788   -7.516  1.00 0.00 ? 1 MCY D H5A3   1 
ATOM   494 P P      . DC  D 1 2 ? 0.315   0.707   -10.259 1.00 0.00 ? 2 DC  D P      1 
ATOM   495 O OP1    . DC  D 1 2 ? 1.623   0.078   -10.555 1.00 0.00 ? 2 DC  D OP1    1 
ATOM   496 O OP2    . DC  D 1 2 ? -0.684  0.867   -11.339 1.00 0.00 ? 2 DC  D OP2    1 
ATOM   497 O "O5'"  . DC  D 1 2 ? -0.379  -0.105  -9.048  1.00 0.00 ? 2 DC  D "O5'"  1 
ATOM   498 C "C5'"  . DC  D 1 2 ? 0.311   -1.170  -8.381  1.00 0.00 ? 2 DC  D "C5'"  1 
ATOM   499 C "C4'"  . DC  D 1 2 ? 1.554   -0.663  -7.651  1.00 0.00 ? 2 DC  D "C4'"  1 
ATOM   500 O "O4'"  . DC  D 1 2 ? 1.324   0.661   -7.118  1.00 0.00 ? 2 DC  D "O4'"  1 
ATOM   501 C "C3'"  . DC  D 1 2 ? 1.933   -1.585  -6.497  1.00 0.00 ? 2 DC  D "C3'"  1 
ATOM   502 O "O3'"  . DC  D 1 2 ? 3.216   -2.184  -6.721  1.00 0.00 ? 2 DC  D "O3'"  1 
ATOM   503 C "C2'"  . DC  D 1 2 ? 1.957   -0.718  -5.265  1.00 0.00 ? 2 DC  D "C2'"  1 
ATOM   504 C "C1'"  . DC  D 1 2 ? 1.618   0.699   -5.708  1.00 0.00 ? 2 DC  D "C1'"  1 
ATOM   505 N N1     . DC  D 1 2 ? 0.476   1.236   -4.933  1.00 0.00 ? 2 DC  D N1     1 
ATOM   506 C C2     . DC  D 1 2 ? 0.781   1.934   -3.766  1.00 0.00 ? 2 DC  D C2     1 
ATOM   507 O O2     . DC  D 1 2 ? 1.937   2.157   -3.417  1.00 0.00 ? 2 DC  D O2     1 
ATOM   508 N N3     . DC  D 1 2 ? -0.295  2.386   -3.035  1.00 0.00 ? 2 DC  D N3     1 
ATOM   509 C C4     . DC  D 1 2 ? -1.587  2.181   -3.409  1.00 0.00 ? 2 DC  D C4     1 
ATOM   510 N N4     . DC  D 1 2 ? -2.543  2.661   -2.612  1.00 0.00 ? 2 DC  D N4     1 
ATOM   511 C C5     . DC  D 1 2 ? -1.883  1.473   -4.607  1.00 0.00 ? 2 DC  D C5     1 
ATOM   512 C C6     . DC  D 1 2 ? -0.831  1.021   -5.338  1.00 0.00 ? 2 DC  D C6     1 
ATOM   513 H "H5'"  . DC  D 1 2 ? 0.610   -1.916  -9.117  1.00 0.00 ? 2 DC  D "H5'"  1 
ATOM   514 H "H5''" . DC  D 1 2 ? -0.363  -1.631  -7.659  1.00 0.00 ? 2 DC  D "H5''" 1 
ATOM   515 H "H4'"  . DC  D 1 2 ? 2.385   -0.619  -8.355  1.00 0.00 ? 2 DC  D "H4'"  1 
ATOM   516 H "H3'"  . DC  D 1 2 ? 1.174   -2.365  -6.381  1.00 0.00 ? 2 DC  D "H3'"  1 
ATOM   517 H "H2'"  . DC  D 1 2 ? 1.218   -1.071  -4.546  1.00 0.00 ? 2 DC  D "H2'"  1 
ATOM   518 H "H2''" . DC  D 1 2 ? 2.950   -0.739  -4.816  1.00 0.00 ? 2 DC  D "H2''" 1 
ATOM   519 H "H1'"  . DC  D 1 2 ? 2.487   1.337   -5.546  1.00 0.00 ? 2 DC  D "H1'"  1 
ATOM   520 H H41    . DC  D 1 2 ? -2.290  3.167   -1.774  1.00 0.00 ? 2 DC  D H41    1 
ATOM   521 H H42    . DC  D 1 2 ? -3.515  2.526   -2.849  1.00 0.00 ? 2 DC  D H42    1 
ATOM   522 H H5     . DC  D 1 2 ? -2.910  1.305   -4.928  1.00 0.00 ? 2 DC  D H5     1 
ATOM   523 H H6     . DC  D 1 2 ? -1.023  0.490   -6.269  1.00 0.00 ? 2 DC  D H6     1 
ATOM   524 P P      . DT  D 1 3 ? 3.343   -3.748  -7.095  1.00 0.00 ? 3 DT  D P      1 
ATOM   525 O OP1    . DT  D 1 3 ? 4.400   -3.892  -8.121  1.00 0.00 ? 3 DT  D OP1    1 
ATOM   526 O OP2    . DT  D 1 3 ? 1.986   -4.280  -7.356  1.00 0.00 ? 3 DT  D OP2    1 
ATOM   527 O "O5'"  . DT  D 1 3 ? 3.884   -4.399  -5.721  1.00 0.00 ? 3 DT  D "O5'"  1 
ATOM   528 C "C5'"  . DT  D 1 3 ? 3.067   -4.427  -4.544  1.00 0.00 ? 3 DT  D "C5'"  1 
ATOM   529 C "C4'"  . DT  D 1 3 ? 2.687   -5.856  -4.146  1.00 0.00 ? 3 DT  D "C4'"  1 
ATOM   530 O "O4'"  . DT  D 1 3 ? 1.507   -5.857  -3.316  1.00 0.00 ? 3 DT  D "O4'"  1 
ATOM   531 C "C3'"  . DT  D 1 3 ? 2.398   -6.711  -5.375  1.00 0.00 ? 3 DT  D "C3'"  1 
ATOM   532 O "O3'"  . DT  D 1 3 ? 3.309   -7.822  -5.471  1.00 0.00 ? 3 DT  D "O3'"  1 
ATOM   533 C "C2'"  . DT  D 1 3 ? 0.978   -7.178  -5.244  1.00 0.00 ? 3 DT  D "C2'"  1 
ATOM   534 C "C1'"  . DT  D 1 3 ? 0.481   -6.686  -3.900  1.00 0.00 ? 3 DT  D "C1'"  1 
ATOM   535 N N1     . DT  D 1 3 ? -0.789  -5.933  -4.030  1.00 0.00 ? 3 DT  D N1     1 
ATOM   536 C C2     . DT  D 1 3 ? -1.835  -6.280  -3.186  1.00 0.00 ? 3 DT  D C2     1 
ATOM   537 O O2     . DT  D 1 3 ? -1.741  -7.187  -2.361  1.00 0.00 ? 3 DT  D O2     1 
ATOM   538 N N3     . DT  D 1 3 ? -2.998  -5.540  -3.324  1.00 0.00 ? 3 DT  D N3     1 
ATOM   539 C C4     . DT  D 1 3 ? -3.204  -4.504  -4.216  1.00 0.00 ? 3 DT  D C4     1 
ATOM   540 O O4     . DT  D 1 3 ? -4.282  -3.914  -4.250  1.00 0.00 ? 3 DT  D O4     1 
ATOM   541 C C5     . DT  D 1 3 ? -2.062  -4.213  -5.054  1.00 0.00 ? 3 DT  D C5     1 
ATOM   542 C C7     . DT  D 1 3 ? -2.155  -3.092  -6.086  1.00 0.00 ? 3 DT  D C7     1 
ATOM   543 C C6     . DT  D 1 3 ? -0.917  -4.916  -4.940  1.00 0.00 ? 3 DT  D C6     1 
ATOM   544 H "H5'"  . DT  D 1 3 ? 2.158   -3.853  -4.726  1.00 0.00 ? 3 DT  D "H5'"  1 
ATOM   545 H "H5''" . DT  D 1 3 ? 3.616   -3.966  -3.723  1.00 0.00 ? 3 DT  D "H5''" 1 
ATOM   546 H "H4'"  . DT  D 1 3 ? 3.512   -6.298  -3.588  1.00 0.00 ? 3 DT  D "H4'"  1 
ATOM   547 H "H3'"  . DT  D 1 3 ? 2.473   -6.100  -6.260  1.00 0.00 ? 3 DT  D "H3'"  1 
ATOM   548 H "H2'"  . DT  D 1 3 ? 0.373   -6.756  -6.046  1.00 0.00 ? 3 DT  D "H2'"  1 
ATOM   549 H "H2''" . DT  D 1 3 ? 0.940   -8.264  -5.283  1.00 0.00 ? 3 DT  D "H2''" 1 
ATOM   550 H "H1'"  . DT  D 1 3 ? 0.324   -7.548  -3.267  1.00 0.00 ? 3 DT  D "H1'"  1 
ATOM   551 H H3     . DT  D 1 3 ? -3.766  -5.772  -2.708  1.00 0.00 ? 3 DT  D H3     1 
ATOM   552 H H71    . DT  D 1 3 ? -1.608  -2.220  -5.727  1.00 0.00 ? 3 DT  D H71    1 
ATOM   553 H H72    . DT  D 1 3 ? -3.200  -2.826  -6.242  1.00 0.00 ? 3 DT  D H72    1 
ATOM   554 H H73    . DT  D 1 3 ? -1.721  -3.429  -7.029  1.00 0.00 ? 3 DT  D H73    1 
ATOM   555 H H6     . DT  D 1 3 ? -0.073  -4.668  -5.585  1.00 0.00 ? 3 DT  D H6     1 
ATOM   556 P P      . DC  D 1 4 ? 3.512   -8.870  -4.257  1.00 0.00 ? 4 DC  D P      1 
ATOM   557 O OP1    . DC  D 1 4 ? 4.394   -9.958  -4.732  1.00 0.00 ? 4 DC  D OP1    1 
ATOM   558 O OP2    . DC  D 1 4 ? 2.183   -9.197  -3.689  1.00 0.00 ? 4 DC  D OP2    1 
ATOM   559 O "O5'"  . DC  D 1 4 ? 4.326   -8.005  -3.168  1.00 0.00 ? 4 DC  D "O5'"  1 
ATOM   560 C "C5'"  . DC  D 1 4 ? 4.694   -8.576  -1.907  1.00 0.00 ? 4 DC  D "C5'"  1 
ATOM   561 C "C4'"  . DC  D 1 4 ? 5.296   -7.530  -0.972  1.00 0.00 ? 4 DC  D "C4'"  1 
ATOM   562 O "O4'"  . DC  D 1 4 ? 4.417   -6.392  -0.846  1.00 0.00 ? 4 DC  D "O4'"  1 
ATOM   563 C "C3'"  . DC  D 1 4 ? 5.522   -8.111  0.418   1.00 0.00 ? 4 DC  D "C3'"  1 
ATOM   564 O "O3'"  . DC  D 1 4 ? 6.907   -8.044  0.780   1.00 0.00 ? 4 DC  D "O3'"  1 
ATOM   565 C "C2'"  . DC  D 1 4 ? 4.685   -7.295  1.356   1.00 0.00 ? 4 DC  D "C2'"  1 
ATOM   566 C "C1'"  . DC  D 1 4 ? 4.043   -6.195  0.533   1.00 0.00 ? 4 DC  D "C1'"  1 
ATOM   567 N N1     . DC  D 1 4 ? 2.573   -6.209  0.687   1.00 0.00 ? 4 DC  D N1     1 
ATOM   568 C C2     . DC  D 1 4 ? 2.015   -5.304  1.590   1.00 0.00 ? 4 DC  D C2     1 
ATOM   569 O O2     . DC  D 1 4 ? 2.700   -4.538  2.267   1.00 0.00 ? 4 DC  D O2     1 
ATOM   570 N N3     . DC  D 1 4 ? 0.642   -5.332  1.697   1.00 0.00 ? 4 DC  D N3     1 
ATOM   571 C C4     . DC  D 1 4 ? -0.144  -6.184  0.975   1.00 0.00 ? 4 DC  D C4     1 
ATOM   572 N N4     . DC  D 1 4 ? -1.461  -6.100  1.140   1.00 0.00 ? 4 DC  D N4     1 
ATOM   573 C C5     . DC  D 1 4 ? 0.445   -7.104  0.063   1.00 0.00 ? 4 DC  D C5     1 
ATOM   574 C C6     . DC  D 1 4 ? 1.796   -7.084  -0.053  1.00 0.00 ? 4 DC  D C6     1 
ATOM   575 H "H5'"  . DC  D 1 4 ? 5.425   -9.366  -2.076  1.00 0.00 ? 4 DC  D "H5'"  1 
ATOM   576 H "H5''" . DC  D 1 4 ? 3.807   -9.005  -1.439  1.00 0.00 ? 4 DC  D "H5''" 1 
ATOM   577 H "H4'"  . DC  D 1 4 ? 6.251   -7.197  -1.379  1.00 0.00 ? 4 DC  D "H4'"  1 
ATOM   578 H "H3'"  . DC  D 1 4 ? 5.178   -9.137  0.445   1.00 0.00 ? 4 DC  D "H3'"  1 
ATOM   579 H "H2'"  . DC  D 1 4 ? 3.915   -7.920  1.808   1.00 0.00 ? 4 DC  D "H2'"  1 
ATOM   580 H "H2''" . DC  D 1 4 ? 5.314   -6.866  2.130   1.00 0.00 ? 4 DC  D "H2''" 1 
ATOM   581 H "H1'"  . DC  D 1 4 ? 4.425   -5.236  0.870   1.00 0.00 ? 4 DC  D "H1'"  1 
ATOM   582 H H41    . DC  D 1 4 ? -1.848  -5.440  1.803   1.00 0.00 ? 4 DC  D H41    1 
ATOM   583 H H42    . DC  D 1 4 ? -2.074  -6.699  0.607   1.00 0.00 ? 4 DC  D H42    1 
ATOM   584 H H5     . DC  D 1 4 ? -0.164  -7.810  -0.507  1.00 0.00 ? 4 DC  D H5     1 
ATOM   585 H H6     . DC  D 1 4 ? 2.282   -7.775  -0.741  1.00 0.00 ? 4 DC  D H6     1 
ATOM   586 P P      . DC  D 1 5 ? 7.738   -9.382  1.117   1.00 0.00 ? 5 DC  D P      1 
ATOM   587 O OP1    . DC  D 1 5 ? 9.173   -9.029  1.193   1.00 0.00 ? 5 DC  D OP1    1 
ATOM   588 O OP2    . DC  D 1 5 ? 7.289   -10.452 0.197   1.00 0.00 ? 5 DC  D OP2    1 
ATOM   589 O "O5'"  . DC  D 1 5 ? 7.230   -9.747  2.604   1.00 0.00 ? 5 DC  D "O5'"  1 
ATOM   590 C "C5'"  . DC  D 1 5 ? 7.016   -11.109 2.985   1.00 0.00 ? 5 DC  D "C5'"  1 
ATOM   591 C "C4'"  . DC  D 1 5 ? 7.075   -11.287 4.501   1.00 0.00 ? 5 DC  D "C4'"  1 
ATOM   592 O "O4'"  . DC  D 1 5 ? 5.869   -10.800 5.122   1.00 0.00 ? 5 DC  D "O4'"  1 
ATOM   593 C "C3'"  . DC  D 1 5 ? 7.231   -12.755 4.865   1.00 0.00 ? 5 DC  D "C3'"  1 
ATOM   594 O "O3'"  . DC  D 1 5 ? 8.538   -13.023 5.383   1.00 0.00 ? 5 DC  D "O3'"  1 
ATOM   595 C "C2'"  . DC  D 1 5 ? 6.170   -13.052 5.882   1.00 0.00 ? 5 DC  D "C2'"  1 
ATOM   596 C "C1'"  . DC  D 1 5 ? 5.283   -11.827 5.951   1.00 0.00 ? 5 DC  D "C1'"  1 
ATOM   597 N N1     . DC  D 1 5 ? 3.910   -12.145 5.503   1.00 0.00 ? 5 DC  D N1     1 
ATOM   598 C C2     . DC  D 1 5 ? 2.926   -12.267 6.483   1.00 0.00 ? 5 DC  D C2     1 
ATOM   599 O O2     . DC  D 1 5 ? 3.162   -12.104 7.678   1.00 0.00 ? 5 DC  D O2     1 
ATOM   600 N N3     . DC  D 1 5 ? 1.659   -12.567 6.028   1.00 0.00 ? 5 DC  D N3     1 
ATOM   601 C C4     . DC  D 1 5 ? 1.362   -12.737 4.706   1.00 0.00 ? 5 DC  D C4     1 
ATOM   602 N N4     . DC  D 1 5 ? 0.100   -13.022 4.383   1.00 0.00 ? 5 DC  D N4     1 
ATOM   603 C C5     . DC  D 1 5 ? 2.383   -12.609 3.722   1.00 0.00 ? 5 DC  D C5     1 
ATOM   604 C C6     . DC  D 1 5 ? 3.634   -12.314 4.160   1.00 0.00 ? 5 DC  D C6     1 
ATOM   605 H "H5'"  . DC  D 1 5 ? 7.783   -11.733 2.525   1.00 0.00 ? 5 DC  D "H5'"  1 
ATOM   606 H "H5''" . DC  D 1 5 ? 6.038   -11.427 2.627   1.00 0.00 ? 5 DC  D "H5''" 1 
ATOM   607 H "H4'"  . DC  D 1 5 ? 7.926   -10.730 4.892   1.00 0.00 ? 5 DC  D "H4'"  1 
ATOM   608 H "H3'"  . DC  D 1 5 ? 7.046   -13.359 3.988   1.00 0.00 ? 5 DC  D "H3'"  1 
ATOM   609 H "HO3'" . DC  D 1 5 ? 8.814   -13.874 5.034   1.00 0.00 ? 5 DC  D "HO3'" 1 
ATOM   610 H "H2'"  . DC  D 1 5 ? 5.589   -13.921 5.571   1.00 0.00 ? 5 DC  D "H2'"  1 
ATOM   611 H "H2''" . DC  D 1 5 ? 6.628   -13.237 6.854   1.00 0.00 ? 5 DC  D "H2''" 1 
ATOM   612 H "H1'"  . DC  D 1 5 ? 5.253   -11.482 6.973   1.00 0.00 ? 5 DC  D "H1'"  1 
ATOM   613 H H41    . DC  D 1 5 ? -0.601  -13.096 5.106   1.00 0.00 ? 5 DC  D H41    1 
ATOM   614 H H42    . DC  D 1 5 ? -0.156  -13.155 3.414   1.00 0.00 ? 5 DC  D H42    1 
ATOM   615 H H5     . DC  D 1 5 ? 2.167   -12.738 2.662   1.00 0.00 ? 5 DC  D H5     1 
ATOM   616 H H6     . DC  D 1 5 ? 4.439   -12.208 3.434   1.00 0.00 ? 5 DC  D H6     1 
# 
